data_5GUE
#
_entry.id   5GUE
#
_cell.length_a   58.698
_cell.length_b   100.373
_cell.length_c   108.937
_cell.angle_alpha   90.00
_cell.angle_beta   90.00
_cell.angle_gamma   90.00
#
_symmetry.space_group_name_H-M   'P 1 21 1'
#
loop_
_entity.id
_entity.type
_entity.pdbx_description
1 polymer 'Cyclooctat-9-en-7-ol synthase'
2 non-polymer 'phosphonooxy-[(10E)-3,7,11,15-tetramethylhexadeca-2,6,10,14-tetraenyl]sulfanyl-phosphinic acid'
3 non-polymer 'MAGNESIUM ION'
4 water water
#
_entity_poly.entity_id   1
_entity_poly.type   'polypeptide(L)'
_entity_poly.pdbx_seq_one_letter_code
;MKHHHHHHHHGGLVPRGSHGGSEFMTTGLSTAGAQDIGRSSVRPYLEECTRRFQEMFDRHVVTRPTKVELTDAELREVID
DCNAAVAPLGKTVSDERWISYVGVVLWSQSPRHIKDMEAFKAVCVLNCVTFVWDDMDPALHDFGLFLPQLRKICEKYYGP
EDAEVAYEAARAFVTSDHMFRDSPIKAALCTTSPEQYFRFRVTDIGVDFWMKMSYPIYRHPEFTEHAKTSLAARMTTRGL
TIVNDFYSYDREVSLGQITNCFRLCDVSDETAFKEFFQARLDDMIEDIECIKAFDQLTQDVFLDLIYGNFVWTTSNKRYK
TAVNDVNSRIQ
;
_entity_poly.pdbx_strand_id   A,B,C,D
#
# COMPACT_ATOMS: atom_id res chain seq x y z
N ASP A 36 -26.51 -18.62 -34.43
CA ASP A 36 -25.75 -18.35 -33.17
C ASP A 36 -26.64 -18.56 -31.94
N ILE A 37 -26.26 -17.93 -30.82
CA ILE A 37 -26.90 -18.18 -29.51
C ILE A 37 -28.43 -18.07 -29.52
N GLY A 38 -28.96 -17.08 -30.23
CA GLY A 38 -30.41 -16.93 -30.39
C GLY A 38 -31.13 -18.13 -31.01
N ARG A 39 -30.38 -19.02 -31.64
CA ARG A 39 -30.92 -20.26 -32.23
C ARG A 39 -30.42 -21.52 -31.51
N SER A 40 -29.73 -21.34 -30.39
CA SER A 40 -29.20 -22.48 -29.67
C SER A 40 -30.30 -23.19 -28.85
N SER A 41 -30.00 -24.41 -28.39
CA SER A 41 -31.02 -25.26 -27.78
C SER A 41 -30.40 -26.26 -26.82
N VAL A 42 -31.12 -26.59 -25.75
CA VAL A 42 -30.70 -27.65 -24.85
C VAL A 42 -31.55 -28.89 -25.07
N ARG A 43 -32.44 -28.80 -26.06
CA ARG A 43 -33.36 -29.88 -26.47
C ARG A 43 -32.68 -31.26 -26.59
N PRO A 44 -31.47 -31.33 -27.22
CA PRO A 44 -30.76 -32.62 -27.21
C PRO A 44 -30.52 -33.21 -25.82
N TYR A 45 -30.57 -32.39 -24.77
CA TYR A 45 -30.21 -32.81 -23.42
C TYR A 45 -31.40 -32.97 -22.47
N LEU A 46 -32.60 -32.64 -22.95
CA LEU A 46 -33.81 -32.63 -22.12
C LEU A 46 -34.00 -33.92 -21.33
N GLU A 47 -33.99 -35.04 -22.02
CA GLU A 47 -34.32 -36.30 -21.35
C GLU A 47 -33.26 -36.66 -20.31
N GLU A 48 -32.00 -36.63 -20.70
CA GLU A 48 -30.91 -37.00 -19.81
C GLU A 48 -30.84 -36.06 -18.60
N CYS A 49 -30.98 -34.76 -18.83
CA CYS A 49 -30.89 -33.80 -17.73
C CYS A 49 -32.04 -33.96 -16.77
N THR A 50 -33.25 -34.20 -17.30
CA THR A 50 -34.41 -34.45 -16.44
C THR A 50 -34.17 -35.68 -15.54
N ARG A 51 -33.67 -36.75 -16.14
CA ARG A 51 -33.44 -37.97 -15.37
CA ARG A 51 -33.36 -38.01 -15.44
C ARG A 51 -32.34 -37.77 -14.32
N ARG A 52 -31.29 -37.03 -14.67
CA ARG A 52 -30.19 -36.75 -13.74
C ARG A 52 -30.58 -35.83 -12.59
N PHE A 53 -31.43 -34.83 -12.88
CA PHE A 53 -31.97 -33.98 -11.81
C PHE A 53 -32.76 -34.89 -10.84
N GLN A 54 -33.64 -35.72 -11.37
CA GLN A 54 -34.46 -36.58 -10.50
C GLN A 54 -33.57 -37.55 -9.71
N GLU A 55 -32.57 -38.11 -10.37
CA GLU A 55 -31.66 -39.01 -9.69
C GLU A 55 -30.98 -38.29 -8.51
N MET A 56 -30.57 -37.05 -8.75
CA MET A 56 -29.90 -36.26 -7.72
C MET A 56 -30.85 -36.02 -6.51
N PHE A 57 -32.08 -35.59 -6.79
CA PHE A 57 -33.05 -35.35 -5.74
C PHE A 57 -33.38 -36.60 -4.91
N ASP A 58 -33.51 -37.76 -5.58
CA ASP A 58 -33.82 -39.02 -4.89
C ASP A 58 -32.70 -39.39 -3.91
N ARG A 59 -31.45 -39.16 -4.33
CA ARG A 59 -30.28 -39.45 -3.50
C ARG A 59 -30.09 -38.44 -2.36
N HIS A 60 -30.23 -37.15 -2.66
CA HIS A 60 -29.81 -36.11 -1.72
C HIS A 60 -30.92 -35.50 -0.87
N VAL A 61 -32.14 -35.49 -1.40
CA VAL A 61 -33.24 -34.94 -0.63
C VAL A 61 -34.13 -36.05 -0.06
N VAL A 62 -34.45 -37.05 -0.90
CA VAL A 62 -35.19 -38.26 -0.54
C VAL A 62 -36.69 -38.05 -0.39
N THR A 63 -37.10 -37.21 0.56
CA THR A 63 -38.52 -36.90 0.77
C THR A 63 -39.16 -36.34 -0.49
N ARG A 64 -40.13 -37.07 -1.03
CA ARG A 64 -40.85 -36.68 -2.25
C ARG A 64 -41.71 -35.46 -2.01
N PRO A 65 -41.75 -34.53 -2.98
CA PRO A 65 -42.71 -33.44 -2.87
C PRO A 65 -44.16 -33.94 -2.86
N THR A 66 -44.99 -33.23 -2.11
CA THR A 66 -46.44 -33.47 -2.07
C THR A 66 -47.14 -32.13 -2.29
N LYS A 67 -48.41 -32.18 -2.67
CA LYS A 67 -49.15 -30.98 -3.07
C LYS A 67 -50.01 -30.54 -1.88
N VAL A 68 -49.86 -29.29 -1.46
CA VAL A 68 -50.78 -28.68 -0.48
C VAL A 68 -52.16 -28.72 -1.12
N GLU A 69 -53.15 -29.13 -0.33
CA GLU A 69 -54.50 -29.11 -0.86
C GLU A 69 -55.27 -27.87 -0.42
N LEU A 70 -55.95 -27.30 -1.40
CA LEU A 70 -56.87 -26.21 -1.18
C LEU A 70 -58.25 -26.78 -1.39
N THR A 71 -59.18 -26.39 -0.52
CA THR A 71 -60.61 -26.66 -0.75
C THR A 71 -61.08 -25.86 -1.96
N ASP A 72 -62.20 -26.26 -2.56
CA ASP A 72 -62.79 -25.51 -3.68
C ASP A 72 -63.01 -24.06 -3.31
N ALA A 73 -63.43 -23.80 -2.06
CA ALA A 73 -63.67 -22.43 -1.61
C ALA A 73 -62.37 -21.64 -1.47
N GLU A 74 -61.33 -22.30 -1.01
CA GLU A 74 -60.03 -21.62 -0.88
C GLU A 74 -59.47 -21.27 -2.23
N LEU A 75 -59.54 -22.21 -3.18
CA LEU A 75 -59.06 -21.94 -4.54
C LEU A 75 -59.87 -20.82 -5.16
N ARG A 76 -61.18 -20.83 -4.93
CA ARG A 76 -62.03 -19.78 -5.51
C ARG A 76 -61.65 -18.41 -4.92
N GLU A 77 -61.40 -18.36 -3.62
CA GLU A 77 -61.00 -17.12 -2.98
C GLU A 77 -59.67 -16.60 -3.59
N VAL A 78 -58.71 -17.51 -3.78
CA VAL A 78 -57.44 -17.13 -4.41
C VAL A 78 -57.67 -16.56 -5.82
N ILE A 79 -58.40 -17.31 -6.66
CA ILE A 79 -58.67 -16.86 -8.02
C ILE A 79 -59.44 -15.53 -8.03
N ASP A 80 -60.46 -15.38 -7.18
CA ASP A 80 -61.15 -14.06 -7.07
C ASP A 80 -60.17 -12.91 -6.76
N ASP A 81 -59.28 -13.14 -5.78
CA ASP A 81 -58.26 -12.14 -5.42
C ASP A 81 -57.27 -11.83 -6.53
N CYS A 82 -56.85 -12.86 -7.28
CA CYS A 82 -55.96 -12.64 -8.43
C CYS A 82 -56.66 -11.77 -9.51
N ASN A 83 -57.89 -12.14 -9.86
CA ASN A 83 -58.64 -11.40 -10.88
C ASN A 83 -58.83 -9.93 -10.45
N ALA A 84 -59.18 -9.71 -9.18
CA ALA A 84 -59.33 -8.32 -8.68
C ALA A 84 -58.01 -7.52 -8.71
N ALA A 85 -56.91 -8.18 -8.37
CA ALA A 85 -55.61 -7.48 -8.36
C ALA A 85 -55.21 -6.98 -9.75
N VAL A 86 -55.54 -7.77 -10.75
CA VAL A 86 -55.08 -7.59 -12.12
C VAL A 86 -56.15 -6.86 -12.97
N ALA A 87 -57.36 -6.73 -12.42
CA ALA A 87 -58.46 -6.00 -13.09
C ALA A 87 -58.11 -4.56 -13.47
N PRO A 88 -57.57 -3.76 -12.51
CA PRO A 88 -57.26 -2.38 -12.89
C PRO A 88 -56.32 -2.27 -14.10
N LEU A 89 -55.56 -3.33 -14.37
CA LEU A 89 -54.66 -3.37 -15.53
C LEU A 89 -55.35 -3.73 -16.85
N GLY A 90 -56.66 -4.00 -16.83
CA GLY A 90 -57.38 -4.39 -18.05
C GLY A 90 -56.99 -5.78 -18.53
N LYS A 91 -56.53 -6.60 -17.60
CA LYS A 91 -56.01 -7.91 -17.91
C LYS A 91 -57.11 -8.91 -17.58
N THR A 92 -57.43 -9.83 -18.51
CA THR A 92 -58.33 -10.93 -18.16
C THR A 92 -57.62 -12.25 -18.29
N VAL A 93 -57.78 -13.07 -17.26
CA VAL A 93 -57.01 -14.30 -17.11
C VAL A 93 -57.95 -15.41 -16.73
N SER A 94 -57.81 -16.54 -17.43
CA SER A 94 -58.64 -17.71 -17.21
C SER A 94 -58.28 -18.42 -15.90
N ASP A 95 -59.26 -19.11 -15.31
CA ASP A 95 -59.02 -20.02 -14.18
C ASP A 95 -57.87 -21.00 -14.46
N GLU A 96 -57.85 -21.57 -15.67
CA GLU A 96 -56.82 -22.50 -16.05
C GLU A 96 -55.42 -21.91 -15.92
N ARG A 97 -55.22 -20.69 -16.40
CA ARG A 97 -53.91 -20.05 -16.29
C ARG A 97 -53.54 -19.78 -14.82
N TRP A 98 -54.51 -19.33 -14.00
CA TRP A 98 -54.23 -19.09 -12.57
C TRP A 98 -53.82 -20.40 -11.90
N ILE A 99 -54.56 -21.47 -12.17
CA ILE A 99 -54.28 -22.78 -11.58
C ILE A 99 -52.88 -23.25 -12.01
N SER A 100 -52.53 -22.98 -13.26
CA SER A 100 -51.21 -23.29 -13.81
C SER A 100 -50.08 -22.64 -13.01
N TYR A 101 -50.27 -21.36 -12.70
CA TYR A 101 -49.28 -20.59 -11.97
C TYR A 101 -49.22 -21.01 -10.53
N VAL A 102 -50.38 -21.24 -9.93
CA VAL A 102 -50.43 -21.53 -8.50
C VAL A 102 -49.82 -22.85 -8.13
N GLY A 103 -49.70 -23.76 -9.09
CA GLY A 103 -49.14 -25.11 -8.81
C GLY A 103 -47.77 -25.03 -8.16
N VAL A 104 -47.01 -24.00 -8.46
CA VAL A 104 -45.64 -23.92 -7.95
C VAL A 104 -45.75 -23.67 -6.44
N VAL A 105 -46.76 -22.93 -6.01
CA VAL A 105 -46.96 -22.76 -4.60
C VAL A 105 -47.47 -24.07 -3.96
N LEU A 106 -48.43 -24.72 -4.61
CA LEU A 106 -48.99 -25.94 -4.03
C LEU A 106 -47.94 -27.04 -3.91
N TRP A 107 -47.01 -27.10 -4.87
CA TRP A 107 -45.96 -28.14 -4.87
C TRP A 107 -44.69 -27.77 -4.09
N SER A 108 -44.34 -26.49 -4.08
CA SER A 108 -43.04 -26.11 -3.50
C SER A 108 -43.07 -25.76 -2.03
N GLN A 109 -44.26 -25.52 -1.46
CA GLN A 109 -44.38 -25.29 -0.03
C GLN A 109 -44.34 -26.63 0.68
N SER A 110 -44.33 -26.63 2.01
CA SER A 110 -44.04 -27.84 2.79
C SER A 110 -45.29 -28.18 3.64
N PRO A 111 -46.21 -29.01 3.12
CA PRO A 111 -47.54 -29.25 3.69
C PRO A 111 -47.51 -29.68 5.15
N ARG A 112 -46.49 -30.43 5.54
CA ARG A 112 -46.47 -30.93 6.93
C ARG A 112 -46.34 -29.83 7.97
N HIS A 113 -45.72 -28.71 7.56
CA HIS A 113 -45.36 -27.66 8.50
C HIS A 113 -46.26 -26.44 8.51
N ILE A 114 -47.26 -26.43 7.62
CA ILE A 114 -48.13 -25.26 7.48
C ILE A 114 -48.93 -25.05 8.76
N LYS A 115 -48.97 -23.79 9.21
CA LYS A 115 -49.74 -23.40 10.37
C LYS A 115 -50.75 -22.30 10.06
N ASP A 116 -50.48 -21.46 9.07
CA ASP A 116 -51.34 -20.33 8.76
C ASP A 116 -51.79 -20.36 7.29
N MET A 117 -53.01 -20.86 7.07
CA MET A 117 -53.54 -20.99 5.70
C MET A 117 -53.96 -19.63 5.09
N GLU A 118 -54.15 -18.60 5.92
CA GLU A 118 -54.34 -17.24 5.41
C GLU A 118 -53.06 -16.75 4.71
N ALA A 119 -51.91 -16.92 5.37
CA ALA A 119 -50.61 -16.59 4.74
C ALA A 119 -50.40 -17.44 3.49
N PHE A 120 -50.84 -18.69 3.52
CA PHE A 120 -50.69 -19.56 2.37
C PHE A 120 -51.44 -19.03 1.16
N LYS A 121 -52.70 -18.67 1.36
CA LYS A 121 -53.48 -18.08 0.26
C LYS A 121 -52.87 -16.78 -0.23
N ALA A 122 -52.30 -15.96 0.67
CA ALA A 122 -51.62 -14.73 0.24
C ALA A 122 -50.45 -15.04 -0.73
N VAL A 123 -49.67 -16.07 -0.42
CA VAL A 123 -48.56 -16.46 -1.31
C VAL A 123 -49.08 -16.97 -2.65
N CYS A 124 -50.13 -17.78 -2.62
CA CYS A 124 -50.85 -18.15 -3.86
C CYS A 124 -51.17 -16.92 -4.72
N VAL A 125 -51.81 -15.93 -4.11
CA VAL A 125 -52.24 -14.73 -4.86
C VAL A 125 -51.01 -13.92 -5.29
N LEU A 126 -50.10 -13.64 -4.35
CA LEU A 126 -48.90 -12.83 -4.69
C LEU A 126 -48.11 -13.48 -5.80
N ASN A 127 -47.86 -14.79 -5.67
CA ASN A 127 -47.16 -15.56 -6.72
C ASN A 127 -47.84 -15.43 -8.08
N CYS A 128 -49.16 -15.66 -8.11
CA CYS A 128 -49.90 -15.70 -9.36
C CYS A 128 -49.92 -14.32 -10.06
N VAL A 129 -50.20 -13.25 -9.30
CA VAL A 129 -50.30 -11.92 -9.94
C VAL A 129 -48.94 -11.40 -10.42
N THR A 130 -47.86 -11.85 -9.76
CA THR A 130 -46.53 -11.45 -10.16
C THR A 130 -46.12 -12.18 -11.45
N PHE A 131 -46.55 -13.43 -11.61
CA PHE A 131 -46.39 -14.14 -12.88
C PHE A 131 -47.08 -13.37 -14.02
N VAL A 132 -48.32 -12.95 -13.79
CA VAL A 132 -49.11 -12.24 -14.82
C VAL A 132 -48.43 -10.93 -15.22
N TRP A 133 -47.95 -10.22 -14.19
CA TRP A 133 -47.22 -8.96 -14.38
C TRP A 133 -45.96 -9.18 -15.21
N ASP A 134 -45.22 -10.23 -14.89
CA ASP A 134 -43.99 -10.56 -15.57
C ASP A 134 -44.23 -10.94 -17.03
N ASP A 135 -45.31 -11.68 -17.30
CA ASP A 135 -45.67 -12.07 -18.66
C ASP A 135 -46.23 -10.94 -19.53
N MET A 136 -46.59 -9.81 -18.92
CA MET A 136 -47.15 -8.64 -19.63
C MET A 136 -46.10 -7.86 -20.41
N ASP A 137 -46.54 -7.19 -21.48
CA ASP A 137 -45.71 -6.20 -22.17
C ASP A 137 -45.35 -5.11 -21.16
N PRO A 138 -44.04 -4.87 -20.94
CA PRO A 138 -43.58 -3.89 -19.96
C PRO A 138 -44.09 -2.46 -20.22
N ALA A 139 -44.35 -2.12 -21.48
CA ALA A 139 -44.95 -0.83 -21.82
C ALA A 139 -46.30 -0.63 -21.12
N LEU A 140 -46.93 -1.74 -20.72
CA LEU A 140 -48.25 -1.72 -20.07
C LEU A 140 -48.19 -1.85 -18.55
N HIS A 141 -46.98 -1.79 -17.98
CA HIS A 141 -46.83 -1.78 -16.55
C HIS A 141 -47.24 -0.43 -15.99
N ASP A 142 -48.19 -0.44 -15.06
CA ASP A 142 -48.63 0.79 -14.40
C ASP A 142 -48.50 0.56 -12.91
N PHE A 143 -47.40 1.08 -12.35
CA PHE A 143 -47.06 0.82 -10.95
C PHE A 143 -48.04 1.48 -9.99
N GLY A 144 -48.56 2.64 -10.40
CA GLY A 144 -49.58 3.34 -9.62
C GLY A 144 -50.86 2.55 -9.42
N LEU A 145 -51.19 1.69 -10.38
CA LEU A 145 -52.36 0.79 -10.26
C LEU A 145 -52.06 -0.58 -9.60
N PHE A 146 -50.85 -1.06 -9.80
CA PHE A 146 -50.51 -2.41 -9.38
C PHE A 146 -50.06 -2.49 -7.93
N LEU A 147 -49.21 -1.57 -7.50
CA LEU A 147 -48.68 -1.61 -6.14
C LEU A 147 -49.75 -1.52 -5.04
N PRO A 148 -50.82 -0.70 -5.23
CA PRO A 148 -51.85 -0.69 -4.17
C PRO A 148 -52.60 -2.02 -4.08
N GLN A 149 -52.67 -2.74 -5.19
CA GLN A 149 -53.29 -4.06 -5.20
C GLN A 149 -52.44 -5.07 -4.44
N LEU A 150 -51.13 -5.01 -4.64
CA LEU A 150 -50.20 -5.86 -3.90
C LEU A 150 -50.36 -5.54 -2.39
N ARG A 151 -50.43 -4.25 -2.06
CA ARG A 151 -50.60 -3.87 -0.66
CA ARG A 151 -50.64 -3.79 -0.69
C ARG A 151 -51.93 -4.37 -0.07
N LYS A 152 -53.02 -4.27 -0.84
CA LYS A 152 -54.32 -4.78 -0.43
C LYS A 152 -54.30 -6.28 -0.14
N ILE A 153 -53.61 -7.05 -0.99
CA ILE A 153 -53.46 -8.48 -0.74
C ILE A 153 -52.74 -8.74 0.60
N CYS A 154 -51.59 -8.10 0.79
CA CYS A 154 -50.80 -8.24 2.01
C CYS A 154 -51.61 -7.88 3.26
N GLU A 155 -52.33 -6.76 3.18
CA GLU A 155 -53.13 -6.30 4.32
C GLU A 155 -54.33 -7.18 4.65
N LYS A 156 -54.85 -7.91 3.67
CA LYS A 156 -55.96 -8.84 3.93
C LYS A 156 -55.51 -10.07 4.70
N TYR A 157 -54.35 -10.61 4.32
CA TYR A 157 -53.98 -11.96 4.76
C TYR A 157 -52.97 -12.05 5.88
N TYR A 158 -52.18 -11.00 6.07
CA TYR A 158 -51.10 -11.01 7.04
C TYR A 158 -51.43 -10.10 8.20
N GLY A 159 -50.83 -10.36 9.36
CA GLY A 159 -50.81 -9.39 10.47
C GLY A 159 -50.09 -8.11 10.06
N PRO A 160 -50.25 -7.00 10.84
CA PRO A 160 -49.62 -5.73 10.45
C PRO A 160 -48.11 -5.78 10.19
N GLU A 161 -47.35 -6.46 11.04
CA GLU A 161 -45.89 -6.61 10.90
C GLU A 161 -45.51 -7.41 9.61
N ASP A 162 -46.08 -8.61 9.50
CA ASP A 162 -45.85 -9.49 8.35
C ASP A 162 -46.29 -8.82 7.06
N ALA A 163 -47.40 -8.07 7.08
CA ALA A 163 -47.92 -7.43 5.86
C ALA A 163 -46.89 -6.47 5.25
N GLU A 164 -46.15 -5.77 6.12
CA GLU A 164 -45.13 -4.81 5.67
C GLU A 164 -43.91 -5.52 5.10
N VAL A 165 -43.54 -6.64 5.70
CA VAL A 165 -42.35 -7.39 5.20
C VAL A 165 -42.65 -8.01 3.83
N ALA A 166 -43.84 -8.59 3.70
CA ALA A 166 -44.19 -9.24 2.44
C ALA A 166 -44.39 -8.16 1.36
N TYR A 167 -45.07 -7.06 1.70
CA TYR A 167 -45.23 -5.98 0.70
C TYR A 167 -43.89 -5.37 0.25
N GLU A 168 -43.01 -5.10 1.19
CA GLU A 168 -41.73 -4.54 0.82
C GLU A 168 -40.97 -5.49 -0.14
N ALA A 169 -41.01 -6.80 0.13
CA ALA A 169 -40.31 -7.76 -0.73
C ALA A 169 -40.92 -7.79 -2.16
N ALA A 170 -42.25 -7.75 -2.21
CA ALA A 170 -43.00 -7.68 -3.48
C ALA A 170 -42.67 -6.39 -4.26
N ARG A 171 -42.72 -5.25 -3.58
CA ARG A 171 -42.39 -3.93 -4.15
C ARG A 171 -40.94 -3.89 -4.65
N ALA A 172 -40.03 -4.45 -3.86
CA ALA A 172 -38.61 -4.49 -4.26
C ALA A 172 -38.36 -5.33 -5.51
N PHE A 173 -39.00 -6.49 -5.58
CA PHE A 173 -38.89 -7.40 -6.71
C PHE A 173 -39.34 -6.76 -8.01
N VAL A 174 -40.52 -6.19 -7.96
CA VAL A 174 -41.15 -5.66 -9.12
C VAL A 174 -40.42 -4.35 -9.54
N THR A 175 -39.95 -3.59 -8.55
CA THR A 175 -39.21 -2.37 -8.83
C THR A 175 -37.85 -2.63 -9.46
N SER A 176 -37.15 -3.64 -8.92
CA SER A 176 -35.85 -4.10 -9.43
C SER A 176 -35.93 -4.57 -10.87
N ASP A 177 -36.95 -5.37 -11.16
CA ASP A 177 -37.21 -5.86 -12.49
C ASP A 177 -37.29 -4.68 -13.48
N HIS A 178 -38.04 -3.65 -13.11
CA HIS A 178 -38.18 -2.47 -13.96
C HIS A 178 -36.88 -1.67 -14.08
N MET A 179 -36.34 -1.27 -12.92
CA MET A 179 -35.21 -0.33 -12.86
C MET A 179 -34.01 -0.83 -13.62
N PHE A 180 -33.81 -2.15 -13.61
CA PHE A 180 -32.53 -2.69 -14.02
C PHE A 180 -32.65 -3.67 -15.17
N ARG A 181 -33.68 -3.48 -16.01
CA ARG A 181 -33.74 -4.12 -17.31
C ARG A 181 -33.08 -3.23 -18.38
N ASP A 182 -32.41 -3.86 -19.33
CA ASP A 182 -31.49 -3.16 -20.24
C ASP A 182 -30.38 -2.42 -19.49
N SER A 183 -30.20 -2.75 -18.21
CA SER A 183 -29.15 -2.15 -17.41
C SER A 183 -27.79 -2.82 -17.69
N PRO A 184 -26.69 -2.04 -17.69
CA PRO A 184 -25.38 -2.67 -17.86
C PRO A 184 -25.04 -3.61 -16.71
N ILE A 185 -25.62 -3.36 -15.55
CA ILE A 185 -25.37 -4.20 -14.38
C ILE A 185 -25.82 -5.63 -14.66
N LYS A 186 -27.02 -5.80 -15.23
CA LYS A 186 -27.53 -7.15 -15.52
C LYS A 186 -26.57 -7.88 -16.45
N ALA A 187 -26.16 -7.20 -17.51
CA ALA A 187 -25.19 -7.77 -18.45
C ALA A 187 -23.90 -8.17 -17.77
N ALA A 188 -23.34 -7.28 -16.94
CA ALA A 188 -22.11 -7.60 -16.24
C ALA A 188 -22.28 -8.79 -15.30
N LEU A 189 -23.38 -8.83 -14.55
CA LEU A 189 -23.54 -9.90 -13.56
C LEU A 189 -23.84 -11.23 -14.24
N CYS A 190 -24.62 -11.17 -15.33
CA CYS A 190 -25.05 -12.41 -16.01
C CYS A 190 -24.00 -13.03 -16.91
N THR A 191 -23.03 -12.24 -17.37
CA THR A 191 -22.01 -12.76 -18.30
C THR A 191 -20.63 -13.00 -17.67
N THR A 192 -20.42 -12.54 -16.43
CA THR A 192 -19.08 -12.61 -15.82
C THR A 192 -18.70 -13.99 -15.32
N SER A 193 -19.56 -14.61 -14.50
CA SER A 193 -19.26 -15.91 -13.89
C SER A 193 -20.58 -16.46 -13.30
N PRO A 194 -20.67 -17.80 -13.07
CA PRO A 194 -21.87 -18.35 -12.42
C PRO A 194 -22.16 -17.64 -11.10
N GLU A 195 -21.13 -17.43 -10.31
CA GLU A 195 -21.26 -16.77 -9.00
C GLU A 195 -21.89 -15.37 -9.06
N GLN A 196 -21.41 -14.52 -9.99
CA GLN A 196 -22.02 -13.20 -10.17
C GLN A 196 -23.45 -13.33 -10.65
N TYR A 197 -23.68 -14.25 -11.59
CA TYR A 197 -25.01 -14.50 -12.09
C TYR A 197 -25.96 -14.88 -10.94
N PHE A 198 -25.56 -15.84 -10.12
CA PHE A 198 -26.46 -16.29 -9.04
C PHE A 198 -26.66 -15.20 -7.98
N ARG A 199 -25.66 -14.33 -7.80
CA ARG A 199 -25.79 -13.17 -6.92
C ARG A 199 -26.91 -12.26 -7.38
N PHE A 200 -27.01 -12.08 -8.69
CA PHE A 200 -28.09 -11.29 -9.25
C PHE A 200 -29.46 -11.99 -9.08
N ARG A 201 -29.49 -13.29 -9.31
CA ARG A 201 -30.74 -14.07 -9.28
C ARG A 201 -31.34 -14.23 -7.88
N VAL A 202 -30.54 -14.09 -6.84
CA VAL A 202 -31.11 -14.06 -5.47
C VAL A 202 -32.37 -13.19 -5.40
N THR A 203 -32.29 -11.97 -5.95
CA THR A 203 -33.45 -11.12 -6.10
C THR A 203 -34.26 -11.42 -7.38
N ASP A 204 -33.55 -11.57 -8.48
CA ASP A 204 -34.19 -11.55 -9.82
C ASP A 204 -35.08 -12.75 -10.11
N ILE A 205 -34.72 -13.91 -9.59
CA ILE A 205 -35.59 -15.08 -9.80
C ILE A 205 -36.73 -15.12 -8.79
N GLY A 206 -36.70 -14.21 -7.82
CA GLY A 206 -37.85 -14.03 -6.95
C GLY A 206 -37.81 -14.79 -5.64
N VAL A 207 -36.68 -15.44 -5.33
CA VAL A 207 -36.66 -16.27 -4.11
C VAL A 207 -36.70 -15.46 -2.85
N ASP A 208 -35.99 -14.32 -2.85
CA ASP A 208 -36.04 -13.48 -1.65
C ASP A 208 -37.48 -13.05 -1.34
N PHE A 209 -38.20 -12.64 -2.38
CA PHE A 209 -39.61 -12.29 -2.23
C PHE A 209 -40.39 -13.52 -1.71
N TRP A 210 -40.21 -14.68 -2.35
CA TRP A 210 -40.87 -15.93 -1.92
C TRP A 210 -40.66 -16.22 -0.43
N MET A 211 -39.41 -16.16 0.03
CA MET A 211 -39.16 -16.37 1.47
C MET A 211 -39.86 -15.40 2.41
N LYS A 212 -39.78 -14.12 2.03
CA LYS A 212 -40.32 -13.03 2.82
C LYS A 212 -41.85 -12.99 2.81
N MET A 213 -42.50 -13.61 1.82
CA MET A 213 -43.97 -13.76 1.93
C MET A 213 -44.37 -15.13 2.52
N SER A 214 -43.43 -16.07 2.56
CA SER A 214 -43.75 -17.45 2.96
C SER A 214 -43.54 -17.74 4.45
N TYR A 215 -42.64 -17.01 5.13
CA TYR A 215 -42.35 -17.37 6.54
C TYR A 215 -43.62 -17.37 7.42
N PRO A 216 -44.59 -16.45 7.17
CA PRO A 216 -45.77 -16.50 8.05
C PRO A 216 -46.64 -17.76 7.92
N ILE A 217 -46.48 -18.51 6.83
CA ILE A 217 -47.15 -19.80 6.65
C ILE A 217 -46.81 -20.76 7.80
N TYR A 218 -45.54 -20.71 8.20
CA TYR A 218 -44.94 -21.71 9.11
C TYR A 218 -44.84 -21.28 10.57
N ARG A 219 -44.76 -19.97 10.80
CA ARG A 219 -44.58 -19.38 12.13
C ARG A 219 -43.48 -20.06 12.90
N HIS A 220 -42.36 -20.33 12.24
CA HIS A 220 -41.26 -21.06 12.84
C HIS A 220 -40.14 -20.05 13.05
N PRO A 221 -39.81 -19.73 14.33
CA PRO A 221 -38.85 -18.65 14.62
C PRO A 221 -37.55 -18.70 13.82
N GLU A 222 -36.89 -19.86 13.73
CA GLU A 222 -35.65 -19.92 12.94
C GLU A 222 -35.90 -19.58 11.47
N PHE A 223 -36.97 -20.14 10.88
CA PHE A 223 -37.23 -19.93 9.47
C PHE A 223 -37.54 -18.45 9.23
N THR A 224 -38.35 -17.89 10.12
CA THR A 224 -38.68 -16.46 10.08
C THR A 224 -37.41 -15.58 10.02
N GLU A 225 -36.42 -15.86 10.86
CA GLU A 225 -35.18 -15.07 10.77
C GLU A 225 -34.36 -15.30 9.52
N HIS A 226 -34.18 -16.56 9.12
CA HIS A 226 -33.44 -16.85 7.87
C HIS A 226 -34.12 -16.18 6.67
N ALA A 227 -35.44 -16.10 6.71
CA ALA A 227 -36.17 -15.41 5.63
C ALA A 227 -35.85 -13.90 5.62
N LYS A 228 -35.91 -13.31 6.80
CA LYS A 228 -35.69 -11.87 6.98
C LYS A 228 -34.26 -11.43 6.73
N THR A 229 -33.27 -12.30 6.97
CA THR A 229 -31.87 -11.93 6.69
C THR A 229 -31.50 -12.23 5.23
N SER A 230 -32.42 -12.91 4.52
CA SER A 230 -32.22 -13.44 3.19
C SER A 230 -31.23 -14.59 3.11
N LEU A 231 -30.69 -15.10 4.24
CA LEU A 231 -29.90 -16.36 4.16
C LEU A 231 -30.73 -17.50 3.51
N ALA A 232 -32.05 -17.51 3.77
CA ALA A 232 -32.98 -18.52 3.19
C ALA A 232 -32.91 -18.50 1.65
N ALA A 233 -33.03 -17.31 1.10
CA ALA A 233 -32.91 -17.13 -0.33
C ALA A 233 -31.52 -17.42 -0.87
N ARG A 234 -30.48 -17.00 -0.15
CA ARG A 234 -29.13 -17.25 -0.62
C ARG A 234 -28.82 -18.77 -0.68
N MET A 235 -29.37 -19.55 0.25
CA MET A 235 -29.17 -21.02 0.27
C MET A 235 -29.92 -21.74 -0.85
N THR A 236 -31.06 -21.19 -1.28
CA THR A 236 -31.92 -21.90 -2.22
C THR A 236 -31.85 -21.41 -3.66
N THR A 237 -31.20 -20.26 -3.88
CA THR A 237 -31.15 -19.61 -5.20
C THR A 237 -30.61 -20.53 -6.31
N ARG A 238 -29.46 -21.15 -6.10
CA ARG A 238 -28.90 -21.96 -7.20
C ARG A 238 -29.79 -23.12 -7.59
N GLY A 239 -30.32 -23.83 -6.58
CA GLY A 239 -31.20 -24.97 -6.81
C GLY A 239 -32.44 -24.62 -7.60
N LEU A 240 -33.10 -23.52 -7.24
CA LEU A 240 -34.21 -23.01 -8.04
C LEU A 240 -33.78 -22.51 -9.42
N THR A 241 -32.69 -21.77 -9.46
CA THR A 241 -32.31 -21.06 -10.71
C THR A 241 -31.79 -22.01 -11.79
N ILE A 242 -30.98 -22.98 -11.39
CA ILE A 242 -30.45 -23.93 -12.39
C ILE A 242 -31.59 -24.72 -13.08
N VAL A 243 -32.53 -25.21 -12.27
CA VAL A 243 -33.72 -25.90 -12.77
C VAL A 243 -34.53 -24.98 -13.68
N ASN A 244 -34.92 -23.81 -13.18
CA ASN A 244 -35.71 -22.91 -14.02
C ASN A 244 -34.99 -22.57 -15.32
N ASP A 245 -33.70 -22.29 -15.23
CA ASP A 245 -32.92 -21.88 -16.40
C ASP A 245 -32.83 -22.98 -17.43
N PHE A 246 -32.62 -24.22 -16.98
CA PHE A 246 -32.53 -25.33 -17.95
C PHE A 246 -33.83 -25.44 -18.76
N TYR A 247 -34.98 -25.40 -18.09
CA TYR A 247 -36.24 -25.66 -18.77
C TYR A 247 -36.84 -24.45 -19.49
N SER A 248 -36.25 -23.28 -19.27
CA SER A 248 -36.71 -22.06 -19.95
C SER A 248 -35.69 -21.52 -20.97
N TYR A 249 -34.57 -22.22 -21.14
CA TYR A 249 -33.48 -21.73 -21.97
C TYR A 249 -33.92 -21.49 -23.42
N ASP A 250 -34.54 -22.49 -24.05
CA ASP A 250 -34.91 -22.35 -25.48
C ASP A 250 -35.80 -21.14 -25.73
N ARG A 251 -36.84 -20.99 -24.91
CA ARG A 251 -37.73 -19.83 -24.99
C ARG A 251 -36.96 -18.50 -24.75
N GLU A 252 -36.21 -18.45 -23.65
CA GLU A 252 -35.54 -17.20 -23.28
C GLU A 252 -34.53 -16.71 -24.31
N VAL A 253 -33.71 -17.65 -24.79
CA VAL A 253 -32.69 -17.39 -25.79
C VAL A 253 -33.33 -16.99 -27.13
N SER A 254 -34.52 -17.51 -27.41
CA SER A 254 -35.21 -17.17 -28.66
C SER A 254 -35.69 -15.72 -28.62
N LEU A 255 -35.91 -15.21 -27.41
CA LEU A 255 -36.43 -13.86 -27.18
C LEU A 255 -35.34 -12.83 -26.85
N GLY A 256 -34.08 -13.24 -26.93
CA GLY A 256 -32.95 -12.35 -26.65
C GLY A 256 -32.62 -12.18 -25.18
N GLN A 257 -33.31 -12.89 -24.30
CA GLN A 257 -33.09 -12.72 -22.85
C GLN A 257 -31.78 -13.34 -22.35
N ILE A 258 -31.06 -12.60 -21.50
CA ILE A 258 -29.69 -12.99 -21.12
C ILE A 258 -29.62 -13.61 -19.71
N THR A 259 -30.76 -13.61 -19.03
CA THR A 259 -30.77 -14.03 -17.66
C THR A 259 -31.01 -15.55 -17.54
N ASN A 260 -29.94 -16.30 -17.81
CA ASN A 260 -29.95 -17.75 -17.80
C ASN A 260 -28.53 -18.27 -17.70
N CYS A 261 -28.23 -19.12 -16.73
CA CYS A 261 -26.85 -19.55 -16.53
C CYS A 261 -26.28 -20.39 -17.68
N PHE A 262 -27.15 -21.05 -18.43
CA PHE A 262 -26.64 -21.88 -19.53
C PHE A 262 -26.09 -21.08 -20.73
N ARG A 263 -26.32 -19.77 -20.70
CA ARG A 263 -25.70 -18.85 -21.68
C ARG A 263 -24.20 -18.69 -21.41
N LEU A 264 -23.73 -19.13 -20.25
CA LEU A 264 -22.30 -19.05 -19.89
C LEU A 264 -21.48 -20.18 -20.49
N CYS A 265 -22.14 -21.14 -21.12
CA CYS A 265 -21.44 -22.21 -21.78
C CYS A 265 -21.99 -22.31 -23.19
N ASP A 266 -21.25 -22.99 -24.05
CA ASP A 266 -21.72 -23.23 -25.40
C ASP A 266 -22.55 -24.52 -25.43
N VAL A 267 -23.87 -24.37 -25.39
CA VAL A 267 -24.76 -25.53 -25.35
C VAL A 267 -24.68 -26.35 -26.64
N SER A 268 -23.98 -25.84 -27.66
CA SER A 268 -23.75 -26.56 -28.93
C SER A 268 -22.69 -27.65 -28.82
N ASP A 269 -21.68 -27.42 -27.99
CA ASP A 269 -20.60 -28.38 -27.80
C ASP A 269 -21.05 -29.35 -26.72
N GLU A 270 -21.44 -30.56 -27.13
CA GLU A 270 -21.93 -31.58 -26.19
C GLU A 270 -21.03 -31.70 -24.96
N THR A 271 -19.71 -31.72 -25.18
CA THR A 271 -18.70 -31.89 -24.13
C THR A 271 -18.63 -30.69 -23.16
N ALA A 272 -18.66 -29.48 -23.71
CA ALA A 272 -18.67 -28.28 -22.88
C ALA A 272 -19.96 -28.24 -22.05
N PHE A 273 -21.09 -28.51 -22.69
CA PHE A 273 -22.38 -28.57 -21.99
C PHE A 273 -22.37 -29.53 -20.81
N LYS A 274 -21.92 -30.76 -21.05
CA LYS A 274 -21.98 -31.76 -20.02
C LYS A 274 -21.11 -31.40 -18.83
N GLU A 275 -19.98 -30.79 -19.11
CA GLU A 275 -19.09 -30.33 -18.05
C GLU A 275 -19.76 -29.21 -17.25
N PHE A 276 -20.40 -28.28 -17.95
CA PHE A 276 -21.12 -27.18 -17.30
C PHE A 276 -22.30 -27.67 -16.45
N PHE A 277 -23.14 -28.52 -17.03
CA PHE A 277 -24.25 -29.16 -16.33
C PHE A 277 -23.82 -29.91 -15.06
N GLN A 278 -22.74 -30.69 -15.14
CA GLN A 278 -22.21 -31.35 -13.94
C GLN A 278 -21.73 -30.37 -12.86
N ALA A 279 -21.03 -29.30 -13.26
CA ALA A 279 -20.65 -28.26 -12.30
C ALA A 279 -21.92 -27.68 -11.62
N ARG A 280 -22.99 -27.52 -12.39
CA ARG A 280 -24.24 -27.00 -11.79
C ARG A 280 -24.89 -28.01 -10.83
N LEU A 281 -24.85 -29.30 -11.18
CA LEU A 281 -25.37 -30.34 -10.30
C LEU A 281 -24.57 -30.35 -9.00
N ASP A 282 -23.25 -30.23 -9.12
CA ASP A 282 -22.36 -30.12 -7.98
C ASP A 282 -22.73 -28.94 -7.08
N ASP A 283 -23.05 -27.79 -7.67
CA ASP A 283 -23.50 -26.62 -6.90
C ASP A 283 -24.77 -26.95 -6.13
N MET A 284 -25.75 -27.53 -6.83
CA MET A 284 -27.00 -27.95 -6.20
C MET A 284 -26.76 -28.89 -5.01
N ILE A 285 -25.92 -29.91 -5.23
CA ILE A 285 -25.57 -30.87 -4.18
C ILE A 285 -24.88 -30.22 -2.97
N GLU A 286 -23.93 -29.32 -3.22
CA GLU A 286 -23.24 -28.63 -2.12
C GLU A 286 -24.23 -27.82 -1.28
N ASP A 287 -25.15 -27.14 -1.94
CA ASP A 287 -26.16 -26.36 -1.25
C ASP A 287 -27.07 -27.28 -0.42
N ILE A 288 -27.52 -28.39 -1.02
CA ILE A 288 -28.40 -29.35 -0.32
C ILE A 288 -27.73 -29.88 0.95
N GLU A 289 -26.47 -30.27 0.79
CA GLU A 289 -25.72 -30.80 1.93
C GLU A 289 -25.54 -29.75 3.02
N CYS A 290 -25.24 -28.49 2.64
CA CYS A 290 -25.21 -27.43 3.66
C CYS A 290 -26.57 -27.16 4.31
N ILE A 291 -27.65 -27.17 3.50
CA ILE A 291 -29.01 -27.01 3.99
C ILE A 291 -29.35 -28.01 5.10
N LYS A 292 -28.77 -29.21 5.02
CA LYS A 292 -29.08 -30.22 6.05
C LYS A 292 -28.47 -29.88 7.42
N ALA A 293 -27.65 -28.83 7.47
CA ALA A 293 -27.14 -28.37 8.76
C ALA A 293 -28.15 -27.46 9.49
N PHE A 294 -29.16 -26.97 8.76
CA PHE A 294 -30.19 -26.13 9.37
C PHE A 294 -31.08 -26.99 10.26
N ASP A 295 -31.89 -26.33 11.09
CA ASP A 295 -32.84 -27.07 11.93
C ASP A 295 -33.85 -27.84 11.05
N GLN A 296 -34.38 -28.95 11.57
CA GLN A 296 -35.18 -29.89 10.80
C GLN A 296 -36.33 -29.22 10.01
N LEU A 297 -37.14 -28.41 10.67
CA LEU A 297 -38.24 -27.77 9.99
C LEU A 297 -37.72 -26.89 8.86
N THR A 298 -36.72 -26.07 9.16
CA THR A 298 -36.20 -25.14 8.14
C THR A 298 -35.64 -25.93 6.95
N GLN A 299 -34.85 -26.96 7.24
CA GLN A 299 -34.30 -27.74 6.15
C GLN A 299 -35.41 -28.38 5.30
N ASP A 300 -36.48 -28.84 5.94
CA ASP A 300 -37.62 -29.45 5.21
C ASP A 300 -38.21 -28.45 4.21
N VAL A 301 -38.45 -27.22 4.67
CA VAL A 301 -39.05 -26.16 3.86
C VAL A 301 -38.11 -25.80 2.71
N PHE A 302 -36.80 -25.68 2.97
CA PHE A 302 -35.87 -25.32 1.88
C PHE A 302 -35.82 -26.41 0.82
N LEU A 303 -35.71 -27.67 1.27
CA LEU A 303 -35.56 -28.77 0.33
C LEU A 303 -36.87 -29.04 -0.41
N ASP A 304 -38.00 -28.89 0.27
CA ASP A 304 -39.29 -29.02 -0.43
C ASP A 304 -39.44 -27.97 -1.50
N LEU A 305 -38.93 -26.76 -1.22
CA LEU A 305 -38.97 -25.68 -2.20
C LEU A 305 -38.17 -26.04 -3.44
N ILE A 306 -36.92 -26.47 -3.26
CA ILE A 306 -36.08 -26.75 -4.45
C ILE A 306 -36.62 -27.95 -5.28
N TYR A 307 -36.92 -29.04 -4.59
CA TYR A 307 -37.41 -30.29 -5.20
C TYR A 307 -38.85 -30.10 -5.74
N GLY A 308 -39.72 -29.48 -4.95
CA GLY A 308 -41.06 -29.10 -5.45
C GLY A 308 -41.04 -28.26 -6.72
N ASN A 309 -40.20 -27.24 -6.76
CA ASN A 309 -40.06 -26.43 -7.97
C ASN A 309 -39.72 -27.26 -9.21
N PHE A 310 -38.82 -28.21 -9.04
CA PHE A 310 -38.47 -29.12 -10.15
C PHE A 310 -39.66 -29.98 -10.63
N VAL A 311 -40.39 -30.59 -9.70
CA VAL A 311 -41.61 -31.33 -10.02
C VAL A 311 -42.60 -30.47 -10.81
N TRP A 312 -42.94 -29.29 -10.28
CA TRP A 312 -43.81 -28.34 -10.98
C TRP A 312 -43.28 -27.94 -12.35
N THR A 313 -42.00 -27.60 -12.41
CA THR A 313 -41.37 -27.16 -13.66
C THR A 313 -41.49 -28.19 -14.79
N THR A 314 -41.32 -29.46 -14.45
CA THR A 314 -41.30 -30.48 -15.48
C THR A 314 -42.72 -30.95 -15.83
N SER A 315 -43.71 -30.51 -15.08
CA SER A 315 -45.08 -30.89 -15.40
C SER A 315 -45.87 -29.77 -16.09
N ASN A 316 -45.30 -28.56 -16.12
CA ASN A 316 -46.04 -27.34 -16.47
C ASN A 316 -45.81 -26.89 -17.92
N LYS A 317 -46.89 -26.47 -18.56
CA LYS A 317 -46.94 -26.11 -20.00
C LYS A 317 -46.17 -24.83 -20.36
N ARG A 318 -45.82 -24.06 -19.33
CA ARG A 318 -45.06 -22.81 -19.45
C ARG A 318 -43.66 -23.02 -20.06
N TYR A 319 -43.11 -24.23 -19.86
CA TYR A 319 -41.71 -24.55 -20.23
C TYR A 319 -41.54 -25.58 -21.38
N LYS A 320 -42.58 -25.75 -22.20
CA LYS A 320 -42.57 -26.77 -23.27
C LYS A 320 -42.63 -26.19 -24.68
N ASP B 36 -3.78 -25.69 18.51
CA ASP B 36 -3.69 -26.05 17.06
C ASP B 36 -3.84 -24.80 16.19
N ILE B 37 -4.92 -24.71 15.41
CA ILE B 37 -5.25 -23.50 14.68
C ILE B 37 -5.41 -22.33 15.67
N GLY B 38 -5.86 -22.65 16.88
CA GLY B 38 -5.94 -21.68 17.99
C GLY B 38 -4.71 -20.83 18.28
N ARG B 39 -3.54 -21.32 17.87
CA ARG B 39 -2.31 -20.56 18.05
C ARG B 39 -1.65 -20.12 16.73
N SER B 40 -2.35 -20.31 15.62
CA SER B 40 -1.82 -19.88 14.32
C SER B 40 -1.88 -18.35 14.14
N SER B 41 -1.18 -17.86 13.14
CA SER B 41 -0.98 -16.42 12.97
C SER B 41 -0.75 -16.04 11.52
N VAL B 42 -1.22 -14.85 11.12
CA VAL B 42 -0.85 -14.30 9.82
C VAL B 42 0.17 -13.17 9.96
N ARG B 43 0.69 -12.99 11.18
CA ARG B 43 1.68 -11.94 11.46
C ARG B 43 2.86 -11.96 10.48
N PRO B 44 3.37 -13.15 10.10
CA PRO B 44 4.44 -13.20 9.13
C PRO B 44 4.11 -12.50 7.81
N TYR B 45 2.81 -12.31 7.54
CA TYR B 45 2.35 -11.79 6.25
C TYR B 45 1.76 -10.36 6.32
N LEU B 46 1.75 -9.75 7.49
CA LEU B 46 1.10 -8.46 7.69
C LEU B 46 1.53 -7.37 6.73
N GLU B 47 2.84 -7.15 6.64
CA GLU B 47 3.40 -6.05 5.87
C GLU B 47 3.13 -6.27 4.38
N GLU B 48 3.43 -7.48 3.90
CA GLU B 48 3.27 -7.77 2.47
C GLU B 48 1.79 -7.70 2.06
N CYS B 49 0.91 -8.27 2.88
CA CYS B 49 -0.52 -8.27 2.54
C CYS B 49 -1.08 -6.85 2.56
N THR B 50 -0.65 -6.05 3.53
CA THR B 50 -1.10 -4.64 3.61
C THR B 50 -0.65 -3.86 2.35
N ARG B 51 0.61 -4.05 1.97
CA ARG B 51 1.14 -3.45 0.77
C ARG B 51 0.35 -3.86 -0.50
N ARG B 52 0.01 -5.15 -0.58
CA ARG B 52 -0.67 -5.71 -1.74
C ARG B 52 -2.12 -5.26 -1.80
N PHE B 53 -2.77 -5.13 -0.65
CA PHE B 53 -4.13 -4.61 -0.62
C PHE B 53 -4.10 -3.18 -1.16
N GLN B 54 -3.19 -2.36 -0.63
CA GLN B 54 -3.10 -0.95 -1.05
C GLN B 54 -2.80 -0.83 -2.55
N GLU B 55 -1.92 -1.67 -3.05
CA GLU B 55 -1.53 -1.59 -4.44
C GLU B 55 -2.73 -1.96 -5.31
N MET B 56 -3.50 -2.96 -4.86
CA MET B 56 -4.74 -3.34 -5.54
C MET B 56 -5.74 -2.19 -5.60
N PHE B 57 -5.99 -1.54 -4.46
CA PHE B 57 -6.92 -0.42 -4.42
C PHE B 57 -6.47 0.77 -5.29
N ASP B 58 -5.17 1.07 -5.28
CA ASP B 58 -4.62 2.17 -6.09
C ASP B 58 -4.84 1.91 -7.57
N ARG B 59 -4.68 0.67 -7.98
CA ARG B 59 -4.88 0.27 -9.36
C ARG B 59 -6.39 0.20 -9.75
N HIS B 60 -7.22 -0.43 -8.92
CA HIS B 60 -8.60 -0.74 -9.29
C HIS B 60 -9.67 0.27 -8.90
N VAL B 61 -9.47 0.94 -7.76
CA VAL B 61 -10.43 1.91 -7.31
C VAL B 61 -9.98 3.32 -7.64
N VAL B 62 -8.69 3.61 -7.41
CA VAL B 62 -8.04 4.89 -7.78
C VAL B 62 -8.37 6.02 -6.81
N THR B 63 -9.65 6.43 -6.77
CA THR B 63 -10.14 7.47 -5.84
C THR B 63 -9.84 7.13 -4.39
N ARG B 64 -9.01 7.96 -3.75
CA ARG B 64 -8.57 7.73 -2.37
C ARG B 64 -9.72 8.02 -1.41
N PRO B 65 -9.88 7.20 -0.35
CA PRO B 65 -10.89 7.52 0.68
C PRO B 65 -10.60 8.85 1.33
N THR B 66 -11.68 9.57 1.65
CA THR B 66 -11.60 10.80 2.42
C THR B 66 -12.56 10.67 3.59
N LYS B 67 -12.34 11.47 4.63
CA LYS B 67 -13.06 11.36 5.88
C LYS B 67 -14.17 12.41 5.97
N VAL B 68 -15.38 11.95 6.28
CA VAL B 68 -16.52 12.85 6.42
C VAL B 68 -16.30 13.72 7.65
N GLU B 69 -16.55 15.01 7.52
CA GLU B 69 -16.45 15.96 8.62
C GLU B 69 -17.73 16.08 9.43
N LEU B 70 -17.59 15.88 10.73
CA LEU B 70 -18.64 16.23 11.67
C LEU B 70 -18.21 17.53 12.34
N THR B 71 -19.16 18.44 12.53
CA THR B 71 -18.90 19.59 13.40
C THR B 71 -18.78 19.06 14.81
N ASP B 72 -18.21 19.87 15.71
CA ASP B 72 -18.14 19.53 17.13
C ASP B 72 -19.53 19.23 17.69
N ALA B 73 -20.53 20.00 17.28
CA ALA B 73 -21.91 19.79 17.75
C ALA B 73 -22.46 18.44 17.27
N GLU B 74 -22.18 18.11 16.01
CA GLU B 74 -22.67 16.85 15.42
C GLU B 74 -22.07 15.64 16.11
N LEU B 75 -20.76 15.66 16.33
CA LEU B 75 -20.10 14.57 17.06
C LEU B 75 -20.63 14.45 18.49
N ARG B 76 -20.83 15.60 19.13
CA ARG B 76 -21.44 15.63 20.45
C ARG B 76 -22.80 14.96 20.46
N GLU B 77 -23.64 15.30 19.48
CA GLU B 77 -24.98 14.71 19.39
C GLU B 77 -24.85 13.19 19.26
N VAL B 78 -23.98 12.76 18.36
CA VAL B 78 -23.77 11.32 18.12
C VAL B 78 -23.36 10.60 19.41
N ILE B 79 -22.35 11.16 20.09
CA ILE B 79 -21.87 10.55 21.35
C ILE B 79 -22.96 10.54 22.43
N ASP B 80 -23.67 11.67 22.59
CA ASP B 80 -24.81 11.73 23.54
C ASP B 80 -25.84 10.60 23.26
N ASP B 81 -26.20 10.44 21.98
CA ASP B 81 -27.15 9.40 21.57
C ASP B 81 -26.58 7.99 21.82
N CYS B 82 -25.29 7.81 21.54
CA CYS B 82 -24.64 6.51 21.84
C CYS B 82 -24.72 6.15 23.31
N ASN B 83 -24.33 7.09 24.18
CA ASN B 83 -24.36 6.89 25.63
C ASN B 83 -25.74 6.59 26.14
N ALA B 84 -26.74 7.31 25.63
CA ALA B 84 -28.12 7.07 26.07
C ALA B 84 -28.63 5.68 25.67
N ALA B 85 -28.16 5.15 24.54
CA ALA B 85 -28.64 3.87 24.05
C ALA B 85 -28.12 2.71 24.87
N VAL B 86 -26.89 2.83 25.35
CA VAL B 86 -26.24 1.73 26.05
C VAL B 86 -26.31 1.90 27.57
N ALA B 87 -26.83 3.03 28.04
CA ALA B 87 -26.98 3.23 29.48
C ALA B 87 -27.89 2.18 30.17
N PRO B 88 -29.05 1.82 29.55
CA PRO B 88 -29.90 0.77 30.15
C PRO B 88 -29.16 -0.56 30.38
N LEU B 89 -28.08 -0.77 29.62
CA LEU B 89 -27.28 -1.98 29.73
C LEU B 89 -26.21 -1.85 30.82
N GLY B 90 -26.19 -0.70 31.48
CA GLY B 90 -25.21 -0.41 32.54
C GLY B 90 -23.83 -0.20 31.95
N LYS B 91 -23.78 0.19 30.69
CA LYS B 91 -22.54 0.34 29.95
C LYS B 91 -22.12 1.79 29.98
N THR B 92 -20.91 2.07 30.43
CA THR B 92 -20.33 3.39 30.31
C THR B 92 -19.13 3.29 29.39
N VAL B 93 -19.07 4.20 28.41
CA VAL B 93 -18.10 4.15 27.34
C VAL B 93 -17.52 5.55 27.13
N SER B 94 -16.21 5.61 27.01
CA SER B 94 -15.46 6.85 26.76
C SER B 94 -15.65 7.43 25.35
N ASP B 95 -15.55 8.76 25.24
CA ASP B 95 -15.53 9.44 23.93
C ASP B 95 -14.51 8.81 22.98
N GLU B 96 -13.33 8.49 23.51
CA GLU B 96 -12.24 7.97 22.70
C GLU B 96 -12.63 6.62 22.06
N ARG B 97 -13.29 5.78 22.86
CA ARG B 97 -13.78 4.48 22.38
C ARG B 97 -14.85 4.69 21.31
N TRP B 98 -15.83 5.57 21.59
CA TRP B 98 -16.88 5.90 20.60
C TRP B 98 -16.26 6.43 19.28
N ILE B 99 -15.30 7.36 19.42
CA ILE B 99 -14.63 7.96 18.26
C ILE B 99 -13.86 6.90 17.44
N SER B 100 -13.30 5.93 18.14
CA SER B 100 -12.63 4.80 17.52
C SER B 100 -13.60 4.03 16.61
N TYR B 101 -14.75 3.67 17.18
CA TYR B 101 -15.79 2.98 16.44
C TYR B 101 -16.34 3.80 15.28
N VAL B 102 -16.58 5.09 15.50
CA VAL B 102 -17.25 5.90 14.48
C VAL B 102 -16.41 6.17 13.23
N GLY B 103 -15.09 6.02 13.35
CA GLY B 103 -14.16 6.22 12.24
C GLY B 103 -14.49 5.37 11.03
N VAL B 104 -15.01 4.16 11.24
CA VAL B 104 -15.38 3.34 10.10
C VAL B 104 -16.48 4.03 9.28
N VAL B 105 -17.38 4.74 9.97
CA VAL B 105 -18.45 5.45 9.24
C VAL B 105 -17.88 6.71 8.54
N LEU B 106 -17.05 7.47 9.26
CA LEU B 106 -16.48 8.71 8.69
C LEU B 106 -15.59 8.40 7.48
N TRP B 107 -14.87 7.29 7.51
CA TRP B 107 -13.99 6.91 6.40
C TRP B 107 -14.68 6.12 5.27
N SER B 108 -15.66 5.29 5.61
CA SER B 108 -16.18 4.36 4.59
C SER B 108 -17.39 4.90 3.83
N GLN B 109 -18.04 5.95 4.35
CA GLN B 109 -19.14 6.59 3.61
C GLN B 109 -18.53 7.47 2.53
N SER B 110 -19.36 8.04 1.64
CA SER B 110 -18.88 8.75 0.45
C SER B 110 -19.25 10.26 0.55
N PRO B 111 -18.34 11.11 1.09
CA PRO B 111 -18.69 12.52 1.37
C PRO B 111 -19.19 13.32 0.17
N ARG B 112 -18.69 13.04 -1.02
CA ARG B 112 -19.14 13.78 -2.19
C ARG B 112 -20.66 13.69 -2.36
N HIS B 113 -21.24 12.55 -1.97
CA HIS B 113 -22.62 12.25 -2.35
C HIS B 113 -23.64 12.42 -1.22
N ILE B 114 -23.18 12.80 -0.03
CA ILE B 114 -24.10 13.00 1.10
C ILE B 114 -25.15 14.08 0.84
N LYS B 115 -26.41 13.73 1.12
CA LYS B 115 -27.51 14.68 0.99
C LYS B 115 -28.21 14.86 2.33
N ASP B 116 -28.17 13.85 3.19
CA ASP B 116 -28.94 13.90 4.44
C ASP B 116 -28.05 13.58 5.64
N MET B 117 -27.65 14.64 6.34
CA MET B 117 -26.78 14.51 7.53
C MET B 117 -27.49 13.96 8.79
N GLU B 118 -28.82 13.98 8.81
CA GLU B 118 -29.57 13.31 9.89
C GLU B 118 -29.39 11.79 9.79
N ALA B 119 -29.57 11.28 8.57
CA ALA B 119 -29.35 9.86 8.27
C ALA B 119 -27.89 9.49 8.55
N PHE B 120 -26.97 10.40 8.22
CA PHE B 120 -25.57 10.18 8.50
C PHE B 120 -25.25 9.94 9.99
N LYS B 121 -25.77 10.83 10.84
CA LYS B 121 -25.64 10.69 12.29
C LYS B 121 -26.28 9.40 12.80
N ALA B 122 -27.42 9.03 12.22
CA ALA B 122 -28.09 7.77 12.58
C ALA B 122 -27.16 6.57 12.34
N VAL B 123 -26.51 6.55 11.18
CA VAL B 123 -25.50 5.48 10.91
C VAL B 123 -24.38 5.54 11.94
N CYS B 124 -23.84 6.73 12.22
CA CYS B 124 -22.82 6.85 13.27
C CYS B 124 -23.27 6.19 14.57
N VAL B 125 -24.47 6.56 15.02
CA VAL B 125 -24.99 6.05 16.28
C VAL B 125 -25.21 4.53 16.16
N LEU B 126 -25.92 4.09 15.12
CA LEU B 126 -26.27 2.67 15.01
C LEU B 126 -25.02 1.80 14.93
N ASN B 127 -24.07 2.24 14.11
CA ASN B 127 -22.80 1.55 13.99
C ASN B 127 -22.12 1.42 15.37
N CYS B 128 -22.01 2.56 16.09
CA CYS B 128 -21.24 2.56 17.35
C CYS B 128 -21.89 1.70 18.42
N VAL B 129 -23.21 1.79 18.57
CA VAL B 129 -23.86 1.01 19.65
C VAL B 129 -23.87 -0.49 19.33
N THR B 130 -23.87 -0.82 18.03
CA THR B 130 -23.78 -2.20 17.62
C THR B 130 -22.41 -2.77 17.92
N PHE B 131 -21.36 -1.99 17.66
CA PHE B 131 -20.01 -2.35 18.12
C PHE B 131 -19.97 -2.67 19.62
N VAL B 132 -20.56 -1.81 20.44
CA VAL B 132 -20.52 -1.99 21.91
C VAL B 132 -21.27 -3.26 22.31
N TRP B 133 -22.43 -3.48 21.71
CA TRP B 133 -23.23 -4.67 21.93
C TRP B 133 -22.40 -5.92 21.62
N ASP B 134 -21.72 -5.89 20.49
CA ASP B 134 -20.95 -7.03 20.00
C ASP B 134 -19.73 -7.32 20.87
N ASP B 135 -19.17 -6.28 21.48
CA ASP B 135 -18.03 -6.46 22.39
C ASP B 135 -18.46 -6.91 23.79
N MET B 136 -19.74 -6.74 24.13
CA MET B 136 -20.29 -7.21 25.42
C MET B 136 -20.27 -8.73 25.57
N ASP B 137 -20.11 -9.20 26.81
CA ASP B 137 -20.38 -10.59 27.17
C ASP B 137 -21.83 -10.87 26.81
N PRO B 138 -22.06 -11.89 25.94
CA PRO B 138 -23.39 -12.35 25.50
C PRO B 138 -24.36 -12.65 26.64
N ALA B 139 -23.86 -13.09 27.79
CA ALA B 139 -24.70 -13.29 28.99
C ALA B 139 -25.42 -12.00 29.41
N LEU B 140 -24.87 -10.85 29.01
CA LEU B 140 -25.38 -9.54 29.41
C LEU B 140 -26.27 -8.86 28.37
N HIS B 141 -26.48 -9.55 27.24
CA HIS B 141 -27.35 -9.06 26.18
C HIS B 141 -28.78 -9.08 26.62
N ASP B 142 -29.40 -7.90 26.65
CA ASP B 142 -30.78 -7.81 27.08
C ASP B 142 -31.54 -7.16 25.93
N PHE B 143 -32.11 -8.00 25.08
CA PHE B 143 -32.85 -7.53 23.91
C PHE B 143 -34.04 -6.65 24.28
N GLY B 144 -34.72 -6.97 25.38
CA GLY B 144 -35.85 -6.17 25.84
C GLY B 144 -35.48 -4.72 26.12
N LEU B 145 -34.26 -4.50 26.57
CA LEU B 145 -33.74 -3.16 26.85
C LEU B 145 -33.11 -2.51 25.62
N PHE B 146 -32.43 -3.31 24.79
CA PHE B 146 -31.62 -2.77 23.69
C PHE B 146 -32.41 -2.44 22.41
N LEU B 147 -33.29 -3.33 21.99
CA LEU B 147 -34.09 -3.10 20.77
C LEU B 147 -34.88 -1.77 20.77
N PRO B 148 -35.57 -1.43 21.88
CA PRO B 148 -36.26 -0.13 21.91
C PRO B 148 -35.33 1.07 21.77
N GLN B 149 -34.09 0.96 22.26
CA GLN B 149 -33.10 1.99 22.01
C GLN B 149 -32.73 2.12 20.52
N LEU B 150 -32.53 0.98 19.85
CA LEU B 150 -32.33 0.99 18.39
C LEU B 150 -33.54 1.63 17.68
N ARG B 151 -34.75 1.27 18.08
CA ARG B 151 -35.93 1.89 17.49
C ARG B 151 -35.98 3.42 17.71
N LYS B 152 -35.66 3.86 18.94
CA LYS B 152 -35.62 5.29 19.24
C LYS B 152 -34.66 6.08 18.32
N ILE B 153 -33.48 5.51 18.09
CA ILE B 153 -32.49 6.11 17.20
C ILE B 153 -33.08 6.25 15.78
N CYS B 154 -33.70 5.19 15.28
CA CYS B 154 -34.24 5.22 13.91
C CYS B 154 -35.37 6.24 13.77
N GLU B 155 -36.26 6.28 14.76
CA GLU B 155 -37.37 7.23 14.76
C GLU B 155 -36.92 8.68 14.86
N LYS B 156 -35.79 8.93 15.50
CA LYS B 156 -35.25 10.28 15.62
C LYS B 156 -34.74 10.82 14.29
N TYR B 157 -34.02 9.97 13.55
CA TYR B 157 -33.20 10.46 12.44
C TYR B 157 -33.76 10.24 11.04
N TYR B 158 -34.69 9.28 10.92
CA TYR B 158 -35.20 8.88 9.62
C TYR B 158 -36.65 9.22 9.53
N GLY B 159 -37.13 9.37 8.29
CA GLY B 159 -38.58 9.42 8.05
C GLY B 159 -39.24 8.10 8.43
N PRO B 160 -40.58 8.08 8.45
CA PRO B 160 -41.31 6.86 8.83
C PRO B 160 -40.93 5.63 8.02
N GLU B 161 -40.84 5.73 6.69
CA GLU B 161 -40.53 4.54 5.85
C GLU B 161 -39.09 4.07 6.09
N ASP B 162 -38.15 5.01 6.09
CA ASP B 162 -36.75 4.66 6.26
C ASP B 162 -36.46 4.10 7.64
N ALA B 163 -37.13 4.67 8.66
CA ALA B 163 -36.96 4.22 10.05
C ALA B 163 -37.29 2.73 10.21
N GLU B 164 -38.33 2.28 9.51
CA GLU B 164 -38.74 0.88 9.57
C GLU B 164 -37.72 -0.02 8.91
N VAL B 165 -37.14 0.42 7.80
CA VAL B 165 -36.15 -0.36 7.04
C VAL B 165 -34.85 -0.46 7.83
N ALA B 166 -34.37 0.66 8.35
CA ALA B 166 -33.14 0.65 9.15
C ALA B 166 -33.32 -0.18 10.41
N TYR B 167 -34.44 0.01 11.11
CA TYR B 167 -34.66 -0.72 12.34
C TYR B 167 -34.78 -2.23 12.08
N GLU B 168 -35.52 -2.61 11.06
CA GLU B 168 -35.65 -4.03 10.72
C GLU B 168 -34.28 -4.63 10.45
N ALA B 169 -33.43 -3.94 9.67
CA ALA B 169 -32.07 -4.47 9.42
C ALA B 169 -31.18 -4.59 10.66
N ALA B 170 -31.23 -3.60 11.56
CA ALA B 170 -30.56 -3.68 12.87
C ALA B 170 -31.07 -4.86 13.69
N ARG B 171 -32.39 -4.97 13.80
CA ARG B 171 -33.04 -6.06 14.57
C ARG B 171 -32.62 -7.42 14.02
N ALA B 172 -32.72 -7.56 12.70
CA ALA B 172 -32.31 -8.81 12.03
C ALA B 172 -30.87 -9.15 12.31
N PHE B 173 -29.97 -8.16 12.19
CA PHE B 173 -28.54 -8.39 12.43
C PHE B 173 -28.24 -8.93 13.82
N VAL B 174 -28.79 -8.24 14.78
CA VAL B 174 -28.55 -8.52 16.18
C VAL B 174 -29.25 -9.85 16.62
N THR B 175 -30.42 -10.11 16.06
CA THR B 175 -31.13 -11.36 16.29
C THR B 175 -30.42 -12.56 15.64
N SER B 176 -29.98 -12.41 14.38
CA SER B 176 -29.12 -13.43 13.72
C SER B 176 -27.91 -13.83 14.55
N ASP B 177 -27.20 -12.82 15.01
CA ASP B 177 -26.02 -13.00 15.83
C ASP B 177 -26.30 -13.89 17.04
N HIS B 178 -27.42 -13.65 17.69
CA HIS B 178 -27.82 -14.44 18.86
C HIS B 178 -28.27 -15.86 18.49
N MET B 179 -29.25 -15.95 17.58
CA MET B 179 -29.94 -17.20 17.31
C MET B 179 -28.99 -18.29 16.81
N PHE B 180 -27.98 -17.89 16.09
CA PHE B 180 -27.21 -18.84 15.33
C PHE B 180 -25.75 -18.73 15.71
N ARG B 181 -25.51 -18.44 17.00
CA ARG B 181 -24.18 -18.24 17.58
C ARG B 181 -23.37 -19.53 17.82
N ASP B 182 -24.01 -20.57 18.38
CA ASP B 182 -23.38 -21.89 18.46
C ASP B 182 -24.14 -22.85 17.56
N SER B 183 -24.49 -22.39 16.36
CA SER B 183 -25.33 -23.17 15.46
C SER B 183 -24.47 -24.04 14.54
N PRO B 184 -24.91 -25.29 14.29
CA PRO B 184 -24.29 -26.14 13.27
C PRO B 184 -24.24 -25.46 11.90
N ILE B 185 -25.21 -24.59 11.63
CA ILE B 185 -25.27 -23.86 10.35
C ILE B 185 -24.02 -23.01 10.18
N LYS B 186 -23.64 -22.29 11.23
CA LYS B 186 -22.46 -21.43 11.15
C LYS B 186 -21.23 -22.24 10.81
N ALA B 187 -21.05 -23.37 11.50
CA ALA B 187 -19.93 -24.27 11.26
C ALA B 187 -19.93 -24.78 9.82
N ALA B 188 -21.09 -25.28 9.38
CA ALA B 188 -21.27 -25.80 8.03
C ALA B 188 -20.92 -24.72 7.03
N LEU B 189 -21.47 -23.52 7.19
CA LEU B 189 -21.21 -22.47 6.21
C LEU B 189 -19.76 -21.97 6.21
N CYS B 190 -19.21 -21.83 7.40
CA CYS B 190 -17.87 -21.27 7.55
C CYS B 190 -16.75 -22.22 7.15
N THR B 191 -17.01 -23.51 7.15
CA THR B 191 -15.94 -24.46 6.89
C THR B 191 -16.00 -25.15 5.51
N THR B 192 -17.09 -24.94 4.78
CA THR B 192 -17.37 -25.72 3.55
C THR B 192 -16.59 -25.20 2.36
N SER B 193 -16.68 -23.90 2.07
CA SER B 193 -15.98 -23.27 0.95
C SER B 193 -16.00 -21.74 1.13
N PRO B 194 -15.12 -21.01 0.41
CA PRO B 194 -15.22 -19.54 0.49
C PRO B 194 -16.60 -19.05 0.11
N GLU B 195 -17.18 -19.61 -0.94
CA GLU B 195 -18.54 -19.29 -1.41
C GLU B 195 -19.60 -19.36 -0.33
N GLN B 196 -19.66 -20.49 0.39
CA GLN B 196 -20.62 -20.64 1.46
C GLN B 196 -20.32 -19.69 2.61
N TYR B 197 -19.02 -19.52 2.93
CA TYR B 197 -18.61 -18.62 3.98
C TYR B 197 -19.10 -17.19 3.69
N PHE B 198 -18.83 -16.68 2.50
CA PHE B 198 -19.22 -15.30 2.19
C PHE B 198 -20.76 -15.17 2.15
N ARG B 199 -21.44 -16.25 1.82
CA ARG B 199 -22.90 -16.25 1.85
C ARG B 199 -23.40 -15.98 3.26
N PHE B 200 -22.75 -16.58 4.26
CA PHE B 200 -23.11 -16.33 5.66
C PHE B 200 -22.79 -14.86 6.08
N ARG B 201 -21.63 -14.36 5.62
CA ARG B 201 -21.15 -13.05 6.04
C ARG B 201 -21.93 -11.87 5.43
N VAL B 202 -22.64 -12.10 4.34
CA VAL B 202 -23.53 -11.03 3.81
C VAL B 202 -24.32 -10.37 4.94
N THR B 203 -24.88 -11.20 5.82
CA THR B 203 -25.58 -10.72 7.00
C THR B 203 -24.62 -10.58 8.16
N ASP B 204 -23.75 -11.57 8.32
CA ASP B 204 -23.00 -11.69 9.58
C ASP B 204 -21.91 -10.63 9.75
N ILE B 205 -21.33 -10.16 8.65
CA ILE B 205 -20.32 -9.05 8.73
C ILE B 205 -21.04 -7.72 8.96
N GLY B 206 -22.37 -7.73 8.79
CA GLY B 206 -23.19 -6.53 8.97
C GLY B 206 -23.36 -5.62 7.76
N VAL B 207 -22.94 -6.05 6.57
CA VAL B 207 -23.04 -5.11 5.43
C VAL B 207 -24.47 -4.89 5.01
N ASP B 208 -25.33 -5.92 5.08
CA ASP B 208 -26.73 -5.69 4.66
C ASP B 208 -27.37 -4.59 5.54
N PHE B 209 -27.06 -4.68 6.83
CA PHE B 209 -27.55 -3.67 7.80
C PHE B 209 -26.94 -2.31 7.47
N TRP B 210 -25.62 -2.27 7.27
CA TRP B 210 -24.98 -1.02 6.81
C TRP B 210 -25.69 -0.40 5.60
N MET B 211 -25.92 -1.18 4.56
CA MET B 211 -26.61 -0.66 3.37
C MET B 211 -28.02 -0.16 3.68
N LYS B 212 -28.77 -0.94 4.46
CA LYS B 212 -30.16 -0.59 4.73
C LYS B 212 -30.31 0.60 5.70
N MET B 213 -29.26 0.94 6.45
CA MET B 213 -29.29 2.19 7.26
C MET B 213 -28.63 3.37 6.56
N SER B 214 -27.81 3.06 5.54
CA SER B 214 -27.06 4.11 4.84
C SER B 214 -27.76 4.73 3.64
N TYR B 215 -28.67 4.01 2.96
CA TYR B 215 -29.22 4.60 1.72
C TYR B 215 -29.88 5.97 1.91
N PRO B 216 -30.53 6.22 3.09
CA PRO B 216 -31.11 7.57 3.21
C PRO B 216 -30.09 8.72 3.23
N ILE B 217 -28.82 8.43 3.51
CA ILE B 217 -27.74 9.46 3.45
C ILE B 217 -27.68 10.10 2.06
N TYR B 218 -27.84 9.24 1.05
CA TYR B 218 -27.63 9.61 -0.33
C TYR B 218 -28.87 10.00 -1.11
N ARG B 219 -30.01 9.46 -0.68
CA ARG B 219 -31.31 9.75 -1.33
C ARG B 219 -31.17 9.56 -2.84
N HIS B 220 -30.51 8.49 -3.25
CA HIS B 220 -30.25 8.21 -4.66
C HIS B 220 -31.05 6.98 -5.05
N PRO B 221 -32.05 7.14 -5.95
CA PRO B 221 -33.02 6.08 -6.23
C PRO B 221 -32.40 4.72 -6.51
N GLU B 222 -31.37 4.66 -7.36
CA GLU B 222 -30.78 3.37 -7.74
C GLU B 222 -30.12 2.71 -6.54
N PHE B 223 -29.41 3.52 -5.75
CA PHE B 223 -28.73 3.01 -4.54
C PHE B 223 -29.75 2.52 -3.53
N THR B 224 -30.82 3.30 -3.35
CA THR B 224 -31.93 2.91 -2.47
C THR B 224 -32.43 1.50 -2.83
N GLU B 225 -32.66 1.25 -4.11
CA GLU B 225 -33.16 -0.06 -4.53
C GLU B 225 -32.13 -1.17 -4.33
N HIS B 226 -30.88 -0.96 -4.74
CA HIS B 226 -29.82 -1.98 -4.51
C HIS B 226 -29.61 -2.31 -3.01
N ALA B 227 -29.73 -1.28 -2.19
CA ALA B 227 -29.73 -1.47 -0.73
C ALA B 227 -30.90 -2.36 -0.29
N LYS B 228 -32.11 -2.03 -0.77
CA LYS B 228 -33.32 -2.77 -0.32
C LYS B 228 -33.41 -4.23 -0.81
N THR B 229 -32.78 -4.54 -1.96
CA THR B 229 -32.80 -5.88 -2.49
C THR B 229 -31.62 -6.70 -1.92
N SER B 230 -30.69 -5.99 -1.26
CA SER B 230 -29.45 -6.56 -0.74
C SER B 230 -28.45 -6.84 -1.84
N LEU B 231 -28.75 -6.46 -3.09
CA LEU B 231 -27.70 -6.56 -4.13
C LEU B 231 -26.45 -5.75 -3.72
N ALA B 232 -26.67 -4.60 -3.07
CA ALA B 232 -25.58 -3.72 -2.57
C ALA B 232 -24.67 -4.50 -1.63
N ALA B 233 -25.28 -5.17 -0.67
CA ALA B 233 -24.54 -6.01 0.27
C ALA B 233 -23.84 -7.19 -0.43
N ARG B 234 -24.52 -7.85 -1.38
CA ARG B 234 -23.93 -9.00 -2.05
C ARG B 234 -22.67 -8.63 -2.84
N MET B 235 -22.67 -7.44 -3.44
CA MET B 235 -21.52 -6.95 -4.26
C MET B 235 -20.30 -6.56 -3.42
N THR B 236 -20.54 -6.16 -2.16
CA THR B 236 -19.49 -5.56 -1.33
C THR B 236 -19.00 -6.50 -0.24
N THR B 237 -19.70 -7.61 0.03
CA THR B 237 -19.27 -8.43 1.21
C THR B 237 -17.86 -9.00 1.13
N ARG B 238 -17.43 -9.47 -0.04
CA ARG B 238 -16.08 -10.10 -0.10
C ARG B 238 -14.99 -9.09 0.17
N GLY B 239 -15.07 -7.90 -0.45
CA GLY B 239 -14.09 -6.84 -0.18
C GLY B 239 -13.98 -6.42 1.27
N LEU B 240 -15.12 -6.27 1.92
CA LEU B 240 -15.19 -5.93 3.33
C LEU B 240 -14.69 -7.07 4.19
N THR B 241 -15.15 -8.29 3.88
CA THR B 241 -14.92 -9.43 4.77
C THR B 241 -13.48 -9.91 4.70
N ILE B 242 -12.90 -9.91 3.50
CA ILE B 242 -11.53 -10.40 3.32
C ILE B 242 -10.54 -9.53 4.14
N VAL B 243 -10.72 -8.23 4.07
CA VAL B 243 -9.89 -7.26 4.77
C VAL B 243 -10.11 -7.37 6.28
N ASN B 244 -11.37 -7.33 6.74
CA ASN B 244 -11.61 -7.50 8.17
C ASN B 244 -11.01 -8.81 8.67
N ASP B 245 -11.27 -9.88 7.93
CA ASP B 245 -10.77 -11.20 8.35
C ASP B 245 -9.27 -11.24 8.44
N PHE B 246 -8.57 -10.62 7.48
CA PHE B 246 -7.12 -10.71 7.54
C PHE B 246 -6.59 -10.05 8.82
N TYR B 247 -7.10 -8.87 9.14
CA TYR B 247 -6.61 -8.06 10.26
C TYR B 247 -7.16 -8.48 11.62
N SER B 248 -8.15 -9.38 11.62
CA SER B 248 -8.69 -9.88 12.89
C SER B 248 -8.42 -11.36 13.14
N TYR B 249 -7.73 -12.02 12.21
CA TYR B 249 -7.47 -13.46 12.27
C TYR B 249 -6.79 -13.92 13.57
N ASP B 250 -5.65 -13.32 13.86
CA ASP B 250 -4.89 -13.66 15.07
C ASP B 250 -5.72 -13.61 16.34
N ARG B 251 -6.46 -12.51 16.53
CA ARG B 251 -7.32 -12.35 17.70
C ARG B 251 -8.50 -13.36 17.70
N GLU B 252 -9.14 -13.52 16.55
CA GLU B 252 -10.30 -14.40 16.48
C GLU B 252 -9.92 -15.87 16.70
N VAL B 253 -8.80 -16.27 16.12
CA VAL B 253 -8.33 -17.64 16.23
C VAL B 253 -7.88 -17.96 17.67
N SER B 254 -7.27 -16.98 18.34
CA SER B 254 -6.92 -17.09 19.77
C SER B 254 -8.15 -17.27 20.68
N LEU B 255 -9.29 -16.71 20.27
CA LEU B 255 -10.55 -16.82 21.03
C LEU B 255 -11.44 -17.98 20.59
N GLY B 256 -10.98 -18.80 19.66
CA GLY B 256 -11.77 -19.93 19.17
C GLY B 256 -12.87 -19.58 18.16
N GLN B 257 -12.87 -18.35 17.65
CA GLN B 257 -13.89 -17.91 16.69
C GLN B 257 -13.66 -18.50 15.30
N ILE B 258 -14.74 -18.92 14.64
CA ILE B 258 -14.60 -19.65 13.38
C ILE B 258 -15.01 -18.80 12.15
N THR B 259 -15.49 -17.59 12.40
CA THR B 259 -15.99 -16.73 11.34
C THR B 259 -14.84 -15.94 10.73
N ASN B 260 -14.03 -16.61 9.91
CA ASN B 260 -12.87 -15.99 9.27
C ASN B 260 -12.43 -16.81 8.07
N CYS B 261 -12.36 -16.19 6.89
CA CYS B 261 -12.09 -16.98 5.70
C CYS B 261 -10.69 -17.58 5.69
N PHE B 262 -9.76 -16.97 6.44
CA PHE B 262 -8.39 -17.52 6.44
C PHE B 262 -8.24 -18.81 7.21
N ARG B 263 -9.28 -19.19 7.95
CA ARG B 263 -9.37 -20.53 8.53
C ARG B 263 -9.55 -21.63 7.47
N LEU B 264 -9.94 -21.26 6.24
CA LEU B 264 -10.06 -22.24 5.14
C LEU B 264 -8.73 -22.70 4.54
N CYS B 265 -7.64 -22.04 4.94
CA CYS B 265 -6.32 -22.46 4.51
C CYS B 265 -5.41 -22.64 5.72
N ASP B 266 -4.28 -23.28 5.47
CA ASP B 266 -3.24 -23.48 6.47
C ASP B 266 -2.28 -22.29 6.44
N VAL B 267 -2.53 -21.28 7.28
CA VAL B 267 -1.72 -20.07 7.22
C VAL B 267 -0.26 -20.34 7.63
N SER B 268 0.01 -21.55 8.13
CA SER B 268 1.37 -21.96 8.50
C SER B 268 2.21 -22.28 7.29
N ASP B 269 1.57 -22.82 6.26
CA ASP B 269 2.23 -23.12 5.00
C ASP B 269 2.25 -21.87 4.15
N GLU B 270 3.42 -21.26 4.01
CA GLU B 270 3.58 -19.98 3.29
C GLU B 270 3.05 -20.05 1.86
N THR B 271 3.36 -21.12 1.14
CA THR B 271 2.89 -21.23 -0.25
C THR B 271 1.36 -21.47 -0.35
N ALA B 272 0.78 -22.22 0.60
CA ALA B 272 -0.68 -22.38 0.65
C ALA B 272 -1.35 -21.05 0.97
N PHE B 273 -0.79 -20.34 1.94
CA PHE B 273 -1.30 -19.03 2.29
C PHE B 273 -1.25 -18.06 1.12
N LYS B 274 -0.10 -17.94 0.47
CA LYS B 274 0.01 -17.02 -0.68
C LYS B 274 -0.96 -17.35 -1.80
N GLU B 275 -1.18 -18.63 -2.06
CA GLU B 275 -2.16 -19.08 -3.04
C GLU B 275 -3.59 -18.64 -2.65
N PHE B 276 -3.94 -18.85 -1.38
CA PHE B 276 -5.24 -18.49 -0.85
C PHE B 276 -5.43 -16.97 -0.89
N PHE B 277 -4.40 -16.23 -0.48
CA PHE B 277 -4.45 -14.77 -0.48
C PHE B 277 -4.67 -14.21 -1.87
N GLN B 278 -3.95 -14.75 -2.86
CA GLN B 278 -4.14 -14.33 -4.24
C GLN B 278 -5.56 -14.60 -4.75
N ALA B 279 -6.12 -15.75 -4.38
CA ALA B 279 -7.47 -16.08 -4.73
C ALA B 279 -8.46 -15.08 -4.14
N ARG B 280 -8.20 -14.63 -2.91
CA ARG B 280 -9.06 -13.59 -2.31
C ARG B 280 -8.92 -12.23 -2.98
N LEU B 281 -7.70 -11.84 -3.29
CA LEU B 281 -7.45 -10.63 -4.07
C LEU B 281 -8.19 -10.69 -5.41
N ASP B 282 -8.13 -11.84 -6.09
CA ASP B 282 -8.83 -12.00 -7.37
C ASP B 282 -10.34 -11.83 -7.16
N ASP B 283 -10.88 -12.36 -6.06
CA ASP B 283 -12.29 -12.17 -5.70
C ASP B 283 -12.65 -10.66 -5.57
N MET B 284 -11.83 -9.93 -4.81
CA MET B 284 -12.06 -8.48 -4.62
C MET B 284 -11.99 -7.72 -5.94
N ILE B 285 -10.99 -8.03 -6.76
CA ILE B 285 -10.85 -7.41 -8.08
C ILE B 285 -12.05 -7.71 -8.97
N GLU B 286 -12.52 -8.96 -9.00
CA GLU B 286 -13.71 -9.29 -9.80
C GLU B 286 -14.93 -8.48 -9.33
N ASP B 287 -15.13 -8.41 -8.02
CA ASP B 287 -16.24 -7.61 -7.49
C ASP B 287 -16.09 -6.13 -7.88
N ILE B 288 -14.88 -5.59 -7.77
CA ILE B 288 -14.66 -4.15 -8.09
C ILE B 288 -14.97 -3.88 -9.56
N GLU B 289 -14.47 -4.74 -10.44
CA GLU B 289 -14.74 -4.60 -11.88
C GLU B 289 -16.24 -4.72 -12.23
N CYS B 290 -16.97 -5.63 -11.58
CA CYS B 290 -18.44 -5.70 -11.75
C CYS B 290 -19.13 -4.48 -11.17
N ILE B 291 -18.67 -3.99 -10.02
CA ILE B 291 -19.21 -2.78 -9.39
C ILE B 291 -19.13 -1.57 -10.34
N LYS B 292 -18.11 -1.55 -11.18
CA LYS B 292 -17.97 -0.46 -12.16
C LYS B 292 -19.05 -0.45 -13.24
N ALA B 293 -19.87 -1.50 -13.32
CA ALA B 293 -21.00 -1.48 -14.25
C ALA B 293 -22.21 -0.78 -13.64
N PHE B 294 -22.20 -0.53 -12.33
CA PHE B 294 -23.28 0.22 -11.68
C PHE B 294 -23.24 1.67 -12.06
N ASP B 295 -24.32 2.40 -11.80
CA ASP B 295 -24.37 3.82 -12.12
C ASP B 295 -23.28 4.57 -11.33
N GLN B 296 -22.79 5.71 -11.83
CA GLN B 296 -21.60 6.35 -11.24
C GLN B 296 -21.72 6.59 -9.71
N LEU B 297 -22.84 7.15 -9.26
CA LEU B 297 -22.97 7.45 -7.84
C LEU B 297 -22.97 6.16 -7.00
N THR B 298 -23.71 5.15 -7.44
CA THR B 298 -23.74 3.88 -6.71
C THR B 298 -22.35 3.26 -6.63
N GLN B 299 -21.65 3.19 -7.76
CA GLN B 299 -20.33 2.59 -7.75
C GLN B 299 -19.37 3.37 -6.84
N ASP B 300 -19.45 4.71 -6.84
CA ASP B 300 -18.64 5.54 -5.92
C ASP B 300 -18.86 5.12 -4.47
N VAL B 301 -20.13 5.00 -4.09
CA VAL B 301 -20.45 4.60 -2.73
C VAL B 301 -19.91 3.20 -2.38
N PHE B 302 -20.12 2.25 -3.28
CA PHE B 302 -19.69 0.87 -3.03
C PHE B 302 -18.18 0.83 -2.89
N LEU B 303 -17.47 1.54 -3.78
CA LEU B 303 -15.99 1.49 -3.78
C LEU B 303 -15.43 2.27 -2.60
N ASP B 304 -16.04 3.41 -2.27
CA ASP B 304 -15.61 4.16 -1.09
C ASP B 304 -15.75 3.32 0.14
N LEU B 305 -16.77 2.46 0.17
CA LEU B 305 -17.00 1.59 1.34
C LEU B 305 -15.91 0.55 1.49
N ILE B 306 -15.60 -0.14 0.40
CA ILE B 306 -14.58 -1.22 0.47
C ILE B 306 -13.20 -0.63 0.79
N TYR B 307 -12.83 0.42 0.06
CA TYR B 307 -11.52 1.08 0.22
C TYR B 307 -11.44 1.82 1.56
N GLY B 308 -12.49 2.58 1.88
CA GLY B 308 -12.56 3.30 3.17
C GLY B 308 -12.41 2.35 4.35
N ASN B 309 -13.07 1.19 4.29
CA ASN B 309 -12.96 0.21 5.39
C ASN B 309 -11.53 -0.29 5.58
N PHE B 310 -10.84 -0.48 4.45
CA PHE B 310 -9.43 -0.90 4.51
C PHE B 310 -8.56 0.16 5.21
N VAL B 311 -8.75 1.42 4.82
CA VAL B 311 -8.00 2.54 5.40
C VAL B 311 -8.25 2.59 6.91
N TRP B 312 -9.52 2.54 7.32
CA TRP B 312 -9.88 2.53 8.75
C TRP B 312 -9.33 1.31 9.53
N THR B 313 -9.43 0.14 8.92
CA THR B 313 -9.01 -1.11 9.54
C THR B 313 -7.51 -1.06 9.85
N THR B 314 -6.72 -0.52 8.92
CA THR B 314 -5.28 -0.52 9.08
C THR B 314 -4.79 0.58 10.03
N SER B 315 -5.64 1.52 10.40
CA SER B 315 -5.21 2.51 11.39
C SER B 315 -5.80 2.41 12.80
N ASN B 316 -6.68 1.42 13.04
CA ASN B 316 -7.46 1.32 14.28
C ASN B 316 -6.90 0.31 15.29
N LYS B 317 -6.88 0.72 16.58
CA LYS B 317 -6.36 -0.08 17.72
C LYS B 317 -7.00 -1.47 17.94
N ARG B 318 -8.28 -1.58 17.54
CA ARG B 318 -9.09 -2.81 17.63
C ARG B 318 -8.40 -4.07 17.06
N TYR B 319 -7.57 -3.89 16.02
CA TYR B 319 -6.94 -4.99 15.28
C TYR B 319 -5.43 -5.19 15.56
N LYS B 320 -4.95 -4.63 16.66
CA LYS B 320 -3.53 -4.70 17.01
C LYS B 320 -3.31 -5.27 18.42
N ASP C 36 10.92 2.67 28.79
CA ASP C 36 11.88 3.52 28.03
C ASP C 36 12.24 2.90 26.67
N ILE C 37 13.06 3.63 25.91
CA ILE C 37 13.40 3.30 24.52
C ILE C 37 13.66 1.83 24.19
N GLY C 38 14.44 1.13 25.02
CA GLY C 38 14.71 -0.30 24.83
C GLY C 38 13.48 -1.20 24.77
N ARG C 39 12.36 -0.70 25.29
CA ARG C 39 11.08 -1.41 25.36
C ARG C 39 10.07 -0.86 24.33
N SER C 40 10.49 0.18 23.60
CA SER C 40 9.59 0.89 22.69
C SER C 40 9.35 0.13 21.37
N SER C 41 8.28 0.50 20.67
CA SER C 41 7.84 -0.25 19.49
C SER C 41 7.06 0.61 18.48
N VAL C 42 7.21 0.33 17.20
CA VAL C 42 6.37 0.97 16.19
C VAL C 42 5.25 0.03 15.70
N ARG C 43 5.15 -1.12 16.35
CA ARG C 43 4.09 -2.12 16.09
C ARG C 43 2.67 -1.52 15.90
N PRO C 44 2.24 -0.58 16.77
CA PRO C 44 0.93 0.03 16.56
C PRO C 44 0.74 0.72 15.21
N TYR C 45 1.85 1.05 14.54
CA TYR C 45 1.83 1.83 13.30
C TYR C 45 2.13 1.00 12.04
N LEU C 46 2.47 -0.27 12.21
CA LEU C 46 2.90 -1.14 11.09
C LEU C 46 1.99 -1.07 9.89
N GLU C 47 0.70 -1.35 10.11
CA GLU C 47 -0.22 -1.49 8.99
C GLU C 47 -0.41 -0.15 8.29
N GLU C 48 -0.69 0.90 9.06
CA GLU C 48 -0.88 2.23 8.50
C GLU C 48 0.36 2.77 7.77
N CYS C 49 1.54 2.65 8.38
CA CYS C 49 2.76 3.08 7.71
C CYS C 49 3.05 2.30 6.44
N THR C 50 2.81 0.99 6.46
CA THR C 50 3.04 0.17 5.27
C THR C 50 2.11 0.65 4.15
N ARG C 51 0.85 0.86 4.50
CA ARG C 51 -0.13 1.36 3.54
C ARG C 51 0.28 2.71 2.96
N ARG C 52 0.73 3.61 3.83
CA ARG C 52 1.11 4.95 3.40
C ARG C 52 2.39 4.98 2.58
N PHE C 53 3.34 4.11 2.90
CA PHE C 53 4.56 3.98 2.08
C PHE C 53 4.14 3.57 0.64
N GLN C 54 3.34 2.52 0.55
CA GLN C 54 2.87 2.01 -0.76
C GLN C 54 2.07 3.07 -1.51
N GLU C 55 1.20 3.79 -0.81
CA GLU C 55 0.44 4.87 -1.45
C GLU C 55 1.36 5.92 -2.03
N MET C 56 2.39 6.29 -1.26
CA MET C 56 3.38 7.28 -1.68
C MET C 56 4.10 6.79 -2.95
N PHE C 57 4.60 5.55 -2.93
CA PHE C 57 5.27 4.99 -4.11
C PHE C 57 4.38 4.92 -5.36
N ASP C 58 3.11 4.55 -5.18
CA ASP C 58 2.16 4.45 -6.30
C ASP C 58 1.96 5.82 -6.92
N ARG C 59 1.94 6.87 -6.09
CA ARG C 59 1.75 8.23 -6.60
C ARG C 59 3.02 8.80 -7.28
N HIS C 60 4.17 8.57 -6.67
CA HIS C 60 5.38 9.33 -7.00
C HIS C 60 6.37 8.58 -7.87
N VAL C 61 6.39 7.27 -7.75
CA VAL C 61 7.27 6.49 -8.61
C VAL C 61 6.48 5.87 -9.78
N VAL C 62 5.34 5.26 -9.46
CA VAL C 62 4.39 4.65 -10.42
C VAL C 62 4.84 3.27 -10.92
N THR C 63 5.97 3.22 -11.62
CA THR C 63 6.54 1.97 -12.12
C THR C 63 6.78 0.97 -11.02
N ARG C 64 6.01 -0.13 -11.04
CA ARG C 64 6.11 -1.18 -10.05
C ARG C 64 7.46 -1.89 -10.17
N PRO C 65 8.07 -2.23 -9.02
CA PRO C 65 9.25 -3.09 -9.05
C PRO C 65 8.97 -4.44 -9.68
N THR C 66 9.96 -4.96 -10.40
CA THR C 66 9.95 -6.32 -10.92
C THR C 66 11.24 -6.99 -10.50
N LYS C 67 11.27 -8.31 -10.55
CA LYS C 67 12.38 -9.10 -10.01
C LYS C 67 13.28 -9.56 -11.15
N VAL C 68 14.59 -9.29 -11.08
CA VAL C 68 15.47 -9.86 -12.11
C VAL C 68 15.53 -11.36 -11.94
N GLU C 69 15.50 -12.07 -13.07
CA GLU C 69 15.57 -13.51 -12.98
C GLU C 69 16.98 -14.01 -13.19
N LEU C 70 17.32 -14.97 -12.34
CA LEU C 70 18.55 -15.70 -12.42
C LEU C 70 18.14 -17.09 -12.88
N THR C 71 18.87 -17.64 -13.84
CA THR C 71 18.70 -19.06 -14.19
C THR C 71 19.14 -19.90 -12.99
N ASP C 72 18.78 -21.19 -12.97
CA ASP C 72 19.19 -22.09 -11.88
C ASP C 72 20.71 -22.09 -11.77
N ALA C 73 21.38 -22.09 -12.92
CA ALA C 73 22.84 -22.12 -12.93
C ALA C 73 23.46 -20.84 -12.39
N GLU C 74 22.84 -19.70 -12.69
CA GLU C 74 23.33 -18.43 -12.20
C GLU C 74 23.17 -18.37 -10.69
N LEU C 75 22.00 -18.77 -10.18
CA LEU C 75 21.80 -18.77 -8.72
C LEU C 75 22.78 -19.70 -8.04
N ARG C 76 23.01 -20.88 -8.62
CA ARG C 76 23.96 -21.80 -8.02
C ARG C 76 25.38 -21.23 -7.99
N GLU C 77 25.79 -20.55 -9.05
CA GLU C 77 27.09 -19.91 -9.09
C GLU C 77 27.22 -18.86 -7.97
N VAL C 78 26.19 -18.03 -7.82
CA VAL C 78 26.15 -17.06 -6.72
C VAL C 78 26.29 -17.75 -5.36
N ILE C 79 25.41 -18.73 -5.06
CA ILE C 79 25.48 -19.43 -3.78
C ILE C 79 26.85 -20.10 -3.56
N ASP C 80 27.36 -20.80 -4.57
CA ASP C 80 28.75 -21.35 -4.50
C ASP C 80 29.82 -20.33 -4.08
N ASP C 81 29.83 -19.15 -4.75
CA ASP C 81 30.74 -18.05 -4.42
C ASP C 81 30.52 -17.48 -3.02
N CYS C 82 29.26 -17.33 -2.60
CA CYS C 82 28.96 -16.90 -1.23
C CYS C 82 29.53 -17.89 -0.19
N ASN C 83 29.22 -19.16 -0.38
CA ASN C 83 29.74 -20.19 0.52
C ASN C 83 31.27 -20.18 0.59
N ALA C 84 31.94 -20.00 -0.56
CA ALA C 84 33.40 -20.02 -0.55
C ALA C 84 34.01 -18.78 0.12
N ALA C 85 33.32 -17.64 0.02
CA ALA C 85 33.83 -16.41 0.62
C ALA C 85 33.78 -16.46 2.15
N VAL C 86 32.79 -17.14 2.68
CA VAL C 86 32.47 -17.14 4.09
C VAL C 86 33.01 -18.41 4.79
N ALA C 87 33.46 -19.38 4.00
CA ALA C 87 34.04 -20.63 4.51
C ALA C 87 35.27 -20.42 5.43
N PRO C 88 36.22 -19.56 5.01
CA PRO C 88 37.40 -19.41 5.89
C PRO C 88 37.04 -18.87 7.28
N LEU C 89 35.87 -18.23 7.39
CA LEU C 89 35.36 -17.79 8.68
C LEU C 89 34.67 -18.90 9.49
N GLY C 90 34.60 -20.11 8.94
CA GLY C 90 33.95 -21.22 9.65
C GLY C 90 32.42 -21.17 9.63
N LYS C 91 31.88 -20.20 8.91
CA LYS C 91 30.43 -19.99 8.84
C LYS C 91 29.78 -20.95 7.85
N THR C 92 28.69 -21.60 8.26
CA THR C 92 27.89 -22.36 7.31
C THR C 92 26.52 -21.74 7.20
N VAL C 93 26.06 -21.60 5.97
CA VAL C 93 24.86 -20.82 5.67
C VAL C 93 24.01 -21.59 4.67
N SER C 94 22.73 -21.71 4.96
CA SER C 94 21.80 -22.47 4.14
C SER C 94 21.46 -21.73 2.85
N ASP C 95 21.14 -22.47 1.80
CA ASP C 95 20.63 -21.89 0.55
C ASP C 95 19.46 -20.94 0.81
N GLU C 96 18.55 -21.33 1.70
CA GLU C 96 17.39 -20.51 2.02
C GLU C 96 17.81 -19.12 2.52
N ARG C 97 18.83 -19.08 3.39
CA ARG C 97 19.32 -17.81 3.96
C ARG C 97 19.93 -16.93 2.86
N TRP C 98 20.72 -17.52 1.95
CA TRP C 98 21.35 -16.76 0.85
C TRP C 98 20.27 -16.19 -0.07
N ILE C 99 19.26 -17.02 -0.38
CA ILE C 99 18.15 -16.58 -1.26
C ILE C 99 17.38 -15.43 -0.60
N SER C 100 17.23 -15.51 0.72
CA SER C 100 16.59 -14.48 1.53
C SER C 100 17.30 -13.15 1.34
N TYR C 101 18.63 -13.19 1.45
CA TYR C 101 19.45 -12.01 1.36
C TYR C 101 19.49 -11.49 -0.05
N VAL C 102 19.61 -12.39 -1.02
CA VAL C 102 19.81 -11.96 -2.39
C VAL C 102 18.61 -11.28 -3.02
N GLY C 103 17.42 -11.55 -2.46
CA GLY C 103 16.17 -10.93 -2.91
C GLY C 103 16.26 -9.43 -3.04
N VAL C 104 17.03 -8.77 -2.16
CA VAL C 104 17.10 -7.28 -2.21
C VAL C 104 17.79 -6.91 -3.51
N VAL C 105 18.74 -7.71 -3.96
CA VAL C 105 19.37 -7.40 -5.23
C VAL C 105 18.40 -7.66 -6.37
N LEU C 106 17.68 -8.78 -6.28
CA LEU C 106 16.79 -9.20 -7.36
C LEU C 106 15.66 -8.19 -7.53
N TRP C 107 15.16 -7.66 -6.42
CA TRP C 107 14.07 -6.71 -6.46
C TRP C 107 14.51 -5.26 -6.65
N SER C 108 15.68 -4.89 -6.14
CA SER C 108 16.02 -3.46 -6.12
C SER C 108 16.79 -2.93 -7.32
N GLN C 109 17.36 -3.84 -8.12
CA GLN C 109 18.01 -3.46 -9.36
C GLN C 109 16.94 -3.24 -10.41
N SER C 110 17.37 -2.83 -11.60
CA SER C 110 16.45 -2.32 -12.64
C SER C 110 16.59 -3.24 -13.87
N PRO C 111 15.79 -4.33 -13.93
CA PRO C 111 15.93 -5.38 -14.95
C PRO C 111 15.94 -4.85 -16.37
N ARG C 112 15.20 -3.78 -16.65
CA ARG C 112 15.16 -3.30 -18.03
C ARG C 112 16.50 -2.82 -18.55
N HIS C 113 17.35 -2.35 -17.65
CA HIS C 113 18.56 -1.65 -18.05
C HIS C 113 19.83 -2.47 -17.91
N ILE C 114 19.70 -3.69 -17.42
CA ILE C 114 20.85 -4.55 -17.21
C ILE C 114 21.58 -4.86 -18.53
N LYS C 115 22.90 -4.71 -18.51
CA LYS C 115 23.74 -5.03 -19.65
C LYS C 115 24.82 -6.07 -19.28
N ASP C 116 25.25 -6.08 -18.03
CA ASP C 116 26.34 -6.96 -17.62
C ASP C 116 25.91 -7.87 -16.46
N MET C 117 25.56 -9.12 -16.81
CA MET C 117 25.10 -10.10 -15.84
C MET C 117 26.24 -10.67 -14.95
N GLU C 118 27.48 -10.54 -15.41
CA GLU C 118 28.64 -10.85 -14.54
C GLU C 118 28.72 -9.88 -13.36
N ALA C 119 28.65 -8.58 -13.66
CA ALA C 119 28.54 -7.53 -12.64
C ALA C 119 27.32 -7.76 -11.73
N PHE C 120 26.21 -8.20 -12.32
CA PHE C 120 25.00 -8.48 -11.54
C PHE C 120 25.25 -9.57 -10.50
N LYS C 121 25.84 -10.68 -10.94
CA LYS C 121 26.15 -11.75 -9.98
C LYS C 121 27.14 -11.30 -8.90
N ALA C 122 28.13 -10.47 -9.26
CA ALA C 122 29.07 -9.93 -8.26
C ALA C 122 28.32 -9.19 -7.15
N VAL C 123 27.32 -8.39 -7.53
CA VAL C 123 26.53 -7.65 -6.53
C VAL C 123 25.70 -8.59 -5.65
N CYS C 124 25.15 -9.64 -6.27
CA CYS C 124 24.47 -10.70 -5.50
C CYS C 124 25.42 -11.26 -4.44
N VAL C 125 26.62 -11.64 -4.86
CA VAL C 125 27.56 -12.25 -3.91
C VAL C 125 28.04 -11.23 -2.86
N LEU C 126 28.46 -10.05 -3.30
CA LEU C 126 28.96 -9.03 -2.37
C LEU C 126 27.91 -8.64 -1.35
N ASN C 127 26.69 -8.42 -1.83
CA ASN C 127 25.57 -8.10 -0.96
C ASN C 127 25.37 -9.23 0.04
N CYS C 128 25.28 -10.47 -0.43
CA CYS C 128 24.99 -11.58 0.48
C CYS C 128 26.07 -11.78 1.55
N VAL C 129 27.35 -11.73 1.17
CA VAL C 129 28.41 -12.03 2.15
C VAL C 129 28.59 -10.92 3.20
N THR C 130 28.20 -9.70 2.82
CA THR C 130 28.25 -8.56 3.70
C THR C 130 27.11 -8.62 4.70
N PHE C 131 25.92 -9.04 4.25
CA PHE C 131 24.84 -9.41 5.19
C PHE C 131 25.34 -10.43 6.23
N VAL C 132 25.96 -11.52 5.78
CA VAL C 132 26.43 -12.56 6.73
C VAL C 132 27.45 -11.98 7.72
N TRP C 133 28.39 -11.20 7.19
CA TRP C 133 29.40 -10.51 8.00
C TRP C 133 28.76 -9.62 9.07
N ASP C 134 27.74 -8.86 8.67
CA ASP C 134 27.06 -7.94 9.55
C ASP C 134 26.29 -8.67 10.65
N ASP C 135 25.71 -9.81 10.31
CA ASP C 135 24.96 -10.62 11.27
C ASP C 135 25.83 -11.41 12.26
N MET C 136 27.11 -11.54 11.96
CA MET C 136 28.08 -12.21 12.84
C MET C 136 28.41 -11.43 14.11
N ASP C 137 28.74 -12.15 15.17
CA ASP C 137 29.35 -11.56 16.38
C ASP C 137 30.68 -10.91 15.96
N PRO C 138 30.86 -9.59 16.23
CA PRO C 138 32.03 -8.84 15.75
C PRO C 138 33.37 -9.35 16.31
N ALA C 139 33.32 -10.03 17.44
CA ALA C 139 34.51 -10.66 17.99
C ALA C 139 35.05 -11.75 17.05
N LEU C 140 34.21 -12.21 16.12
CA LEU C 140 34.60 -13.26 15.17
C LEU C 140 35.01 -12.72 13.79
N HIS C 141 35.09 -11.40 13.68
CA HIS C 141 35.50 -10.74 12.44
C HIS C 141 37.01 -10.79 12.18
N ASP C 142 37.41 -11.57 11.18
CA ASP C 142 38.83 -11.68 10.80
C ASP C 142 39.00 -11.00 9.45
N PHE C 143 39.49 -9.75 9.48
CA PHE C 143 39.62 -8.94 8.27
C PHE C 143 40.66 -9.55 7.36
N GLY C 144 41.70 -10.15 7.95
CA GLY C 144 42.74 -10.83 7.20
C GLY C 144 42.23 -11.99 6.37
N LEU C 145 41.17 -12.65 6.84
CA LEU C 145 40.52 -13.73 6.07
C LEU C 145 39.41 -13.27 5.12
N PHE C 146 38.72 -12.21 5.49
CA PHE C 146 37.53 -11.78 4.75
C PHE C 146 37.84 -10.86 3.57
N LEU C 147 38.74 -9.89 3.78
CA LEU C 147 39.08 -8.94 2.71
C LEU C 147 39.63 -9.59 1.44
N PRO C 148 40.51 -10.62 1.54
CA PRO C 148 40.97 -11.28 0.30
C PRO C 148 39.80 -11.96 -0.47
N GLN C 149 38.80 -12.44 0.26
CA GLN C 149 37.65 -13.07 -0.37
C GLN C 149 36.80 -12.05 -1.12
N LEU C 150 36.62 -10.86 -0.54
CA LEU C 150 35.94 -9.76 -1.23
C LEU C 150 36.75 -9.39 -2.49
N ARG C 151 38.09 -9.36 -2.35
CA ARG C 151 38.93 -9.04 -3.51
C ARG C 151 38.75 -10.06 -4.63
N LYS C 152 38.80 -11.35 -4.29
CA LYS C 152 38.57 -12.45 -5.20
C LYS C 152 37.26 -12.36 -5.99
N ILE C 153 36.17 -12.04 -5.29
CA ILE C 153 34.87 -11.84 -5.92
C ILE C 153 34.91 -10.71 -6.95
N CYS C 154 35.46 -9.56 -6.55
CA CYS C 154 35.58 -8.41 -7.45
C CYS C 154 36.43 -8.75 -8.68
N GLU C 155 37.53 -9.45 -8.45
CA GLU C 155 38.44 -9.78 -9.57
C GLU C 155 37.87 -10.79 -10.55
N LYS C 156 37.01 -11.68 -10.07
CA LYS C 156 36.35 -12.65 -10.93
C LYS C 156 35.35 -11.99 -11.89
N TYR C 157 34.53 -11.07 -11.36
CA TYR C 157 33.36 -10.58 -12.10
C TYR C 157 33.52 -9.26 -12.83
N TYR C 158 34.43 -8.41 -12.37
CA TYR C 158 34.59 -7.08 -12.94
C TYR C 158 35.88 -6.98 -13.72
N GLY C 159 35.93 -6.05 -14.67
CA GLY C 159 37.19 -5.65 -15.31
C GLY C 159 38.13 -5.05 -14.28
N PRO C 160 39.43 -4.90 -14.62
CA PRO C 160 40.39 -4.42 -13.61
C PRO C 160 40.05 -3.09 -12.96
N GLU C 161 39.57 -2.13 -13.75
CA GLU C 161 39.19 -0.80 -13.27
C GLU C 161 38.00 -0.86 -12.29
N ASP C 162 36.93 -1.52 -12.74
CA ASP C 162 35.73 -1.66 -11.95
C ASP C 162 36.03 -2.51 -10.72
N ALA C 163 36.92 -3.48 -10.83
CA ALA C 163 37.20 -4.37 -9.68
C ALA C 163 37.74 -3.57 -8.51
N GLU C 164 38.59 -2.57 -8.81
CA GLU C 164 39.19 -1.74 -7.75
C GLU C 164 38.17 -0.82 -7.11
N VAL C 165 37.25 -0.29 -7.92
CA VAL C 165 36.25 0.65 -7.39
C VAL C 165 35.26 -0.09 -6.50
N ALA C 166 34.82 -1.27 -6.93
CA ALA C 166 33.86 -2.04 -6.13
C ALA C 166 34.57 -2.58 -4.88
N TYR C 167 35.79 -3.08 -5.03
CA TYR C 167 36.52 -3.53 -3.85
C TYR C 167 36.78 -2.43 -2.80
N GLU C 168 37.25 -1.27 -3.25
CA GLU C 168 37.48 -0.16 -2.32
C GLU C 168 36.19 0.19 -1.56
N ALA C 169 35.04 0.22 -2.25
CA ALA C 169 33.78 0.56 -1.59
C ALA C 169 33.40 -0.51 -0.54
N ALA C 170 33.60 -1.78 -0.89
CA ALA C 170 33.39 -2.90 0.06
C ALA C 170 34.29 -2.77 1.30
N ARG C 171 35.58 -2.56 1.05
CA ARG C 171 36.60 -2.41 2.09
C ARG C 171 36.28 -1.22 2.99
N ALA C 172 35.92 -0.07 2.40
CA ALA C 172 35.59 1.13 3.17
C ALA C 172 34.39 0.89 4.08
N PHE C 173 33.36 0.24 3.53
CA PHE C 173 32.17 -0.10 4.26
C PHE C 173 32.42 -0.98 5.47
N VAL C 174 33.15 -2.09 5.27
CA VAL C 174 33.37 -2.98 6.41
C VAL C 174 34.33 -2.37 7.43
N THR C 175 35.29 -1.59 6.93
CA THR C 175 36.28 -0.95 7.78
C THR C 175 35.60 0.14 8.67
N SER C 176 34.76 0.95 8.05
CA SER C 176 33.95 1.97 8.72
C SER C 176 33.10 1.39 9.82
N ASP C 177 32.38 0.34 9.47
CA ASP C 177 31.54 -0.38 10.42
C ASP C 177 32.36 -0.74 11.68
N HIS C 178 33.56 -1.30 11.47
CA HIS C 178 34.45 -1.67 12.57
C HIS C 178 34.97 -0.46 13.36
N MET C 179 35.65 0.44 12.65
CA MET C 179 36.40 1.52 13.30
C MET C 179 35.50 2.41 14.14
N PHE C 180 34.26 2.53 13.71
CA PHE C 180 33.40 3.55 14.30
C PHE C 180 32.15 2.95 14.94
N ARG C 181 32.28 1.69 15.37
CA ARG C 181 31.44 1.03 16.40
C ARG C 181 31.75 1.59 17.79
N ASP C 182 30.69 1.92 18.54
CA ASP C 182 30.80 2.56 19.86
C ASP C 182 31.62 3.87 19.85
N SER C 183 31.86 4.41 18.66
CA SER C 183 32.53 5.69 18.53
C SER C 183 31.59 6.83 18.96
N PRO C 184 32.16 7.91 19.55
CA PRO C 184 31.34 9.07 19.92
C PRO C 184 30.75 9.76 18.70
N ILE C 185 31.41 9.61 17.56
CA ILE C 185 30.92 10.22 16.31
C ILE C 185 29.56 9.64 15.94
N LYS C 186 29.43 8.30 15.99
CA LYS C 186 28.15 7.64 15.71
C LYS C 186 27.04 8.20 16.59
N ALA C 187 27.29 8.27 17.91
CA ALA C 187 26.30 8.83 18.83
C ALA C 187 25.97 10.26 18.48
N ALA C 188 26.99 11.07 18.20
CA ALA C 188 26.73 12.47 17.87
C ALA C 188 25.92 12.61 16.58
N LEU C 189 26.29 11.85 15.56
CA LEU C 189 25.61 11.95 14.27
C LEU C 189 24.19 11.43 14.36
N CYS C 190 24.00 10.32 15.07
CA CYS C 190 22.66 9.67 15.12
C CYS C 190 21.65 10.34 16.05
N THR C 191 22.09 11.22 16.94
CA THR C 191 21.17 11.83 17.90
C THR C 191 20.96 13.34 17.71
N THR C 192 21.78 13.96 16.86
CA THR C 192 21.75 15.43 16.69
C THR C 192 20.52 15.90 15.92
N SER C 193 20.29 15.35 14.73
CA SER C 193 19.17 15.76 13.88
C SER C 193 19.00 14.70 12.75
N PRO C 194 17.83 14.66 12.07
CA PRO C 194 17.70 13.71 10.96
C PRO C 194 18.80 13.89 9.93
N GLU C 195 19.12 15.14 9.63
CA GLU C 195 20.08 15.38 8.56
C GLU C 195 21.50 14.94 8.92
N GLN C 196 21.93 15.13 10.17
CA GLN C 196 23.22 14.55 10.59
C GLN C 196 23.18 13.02 10.52
N TYR C 197 22.04 12.44 10.94
CA TYR C 197 21.88 11.01 10.94
C TYR C 197 21.99 10.48 9.50
N PHE C 198 21.26 11.11 8.58
CA PHE C 198 21.28 10.62 7.20
C PHE C 198 22.67 10.81 6.55
N ARG C 199 23.39 11.85 6.99
CA ARG C 199 24.79 12.04 6.58
C ARG C 199 25.65 10.85 6.91
N PHE C 200 25.45 10.32 8.12
CA PHE C 200 26.18 9.15 8.53
C PHE C 200 25.76 7.91 7.72
N ARG C 201 24.46 7.76 7.50
CA ARG C 201 23.95 6.53 6.86
C ARG C 201 24.29 6.41 5.36
N VAL C 202 24.66 7.50 4.71
CA VAL C 202 25.15 7.43 3.31
C VAL C 202 26.17 6.29 3.12
N THR C 203 27.10 6.17 4.08
CA THR C 203 28.06 5.06 4.11
C THR C 203 27.49 3.91 4.94
N ASP C 204 26.89 4.23 6.07
CA ASP C 204 26.61 3.18 7.09
C ASP C 204 25.48 2.21 6.70
N ILE C 205 24.50 2.66 5.94
CA ILE C 205 23.45 1.73 5.46
C ILE C 205 23.88 0.99 4.19
N GLY C 206 25.03 1.39 3.66
CA GLY C 206 25.67 0.61 2.61
C GLY C 206 25.34 1.07 1.20
N VAL C 207 24.68 2.22 1.08
CA VAL C 207 24.25 2.68 -0.24
C VAL C 207 25.40 3.11 -1.13
N ASP C 208 26.42 3.77 -0.56
CA ASP C 208 27.59 4.11 -1.38
C ASP C 208 28.25 2.86 -1.96
N PHE C 209 28.41 1.84 -1.11
CA PHE C 209 28.95 0.56 -1.54
C PHE C 209 28.08 -0.03 -2.67
N TRP C 210 26.78 -0.18 -2.42
CA TRP C 210 25.82 -0.62 -3.47
C TRP C 210 25.98 0.09 -4.80
N MET C 211 26.00 1.42 -4.81
CA MET C 211 26.20 2.13 -6.09
C MET C 211 27.52 1.83 -6.79
N LYS C 212 28.59 1.83 -6.01
CA LYS C 212 29.95 1.58 -6.56
C LYS C 212 30.17 0.15 -7.01
N MET C 213 29.36 -0.81 -6.53
CA MET C 213 29.46 -2.17 -7.09
C MET C 213 28.40 -2.40 -8.20
N SER C 214 27.40 -1.51 -8.28
CA SER C 214 26.27 -1.72 -9.17
C SER C 214 26.43 -1.06 -10.53
N TYR C 215 27.22 0.02 -10.64
CA TYR C 215 27.26 0.76 -11.92
C TYR C 215 27.70 -0.11 -13.12
N PRO C 216 28.63 -1.07 -12.91
CA PRO C 216 29.00 -1.89 -14.08
C PRO C 216 27.87 -2.77 -14.63
N ILE C 217 26.81 -2.99 -13.85
CA ILE C 217 25.66 -3.75 -14.33
C ILE C 217 25.03 -3.07 -15.55
N TYR C 218 25.00 -1.73 -15.50
CA TYR C 218 24.30 -0.88 -16.47
C TYR C 218 25.14 -0.29 -17.59
N ARG C 219 26.44 -0.11 -17.32
CA ARG C 219 27.39 0.51 -18.26
C ARG C 219 26.83 1.78 -18.85
N HIS C 220 26.24 2.63 -18.02
CA HIS C 220 25.57 3.84 -18.45
C HIS C 220 26.42 5.01 -17.95
N PRO C 221 27.05 5.76 -18.88
CA PRO C 221 28.05 6.78 -18.50
C PRO C 221 27.59 7.74 -17.40
N GLU C 222 26.37 8.28 -17.50
CA GLU C 222 25.90 9.19 -16.46
C GLU C 222 25.78 8.49 -15.10
N PHE C 223 25.17 7.30 -15.08
CA PHE C 223 25.01 6.57 -13.84
C PHE C 223 26.36 6.24 -13.21
N THR C 224 27.29 5.77 -14.05
CA THR C 224 28.65 5.52 -13.63
C THR C 224 29.29 6.71 -12.89
N GLU C 225 29.21 7.92 -13.45
CA GLU C 225 29.76 9.06 -12.72
C GLU C 225 29.05 9.37 -11.41
N HIS C 226 27.72 9.35 -11.42
CA HIS C 226 26.94 9.64 -10.20
C HIS C 226 27.29 8.63 -9.09
N ALA C 227 27.54 7.39 -9.49
CA ALA C 227 27.95 6.38 -8.51
C ALA C 227 29.33 6.75 -7.93
N LYS C 228 30.24 7.15 -8.81
CA LYS C 228 31.63 7.39 -8.44
C LYS C 228 31.83 8.66 -7.64
N THR C 229 30.95 9.66 -7.82
CA THR C 229 31.00 10.89 -7.00
C THR C 229 30.22 10.74 -5.67
N SER C 230 29.48 9.63 -5.54
CA SER C 230 28.51 9.38 -4.49
C SER C 230 27.25 10.25 -4.51
N LEU C 231 27.06 11.09 -5.53
CA LEU C 231 25.77 11.79 -5.65
C LEU C 231 24.64 10.74 -5.72
N ALA C 232 24.90 9.58 -6.36
CA ALA C 232 23.87 8.50 -6.47
C ALA C 232 23.45 8.06 -5.05
N ALA C 233 24.43 7.76 -4.23
CA ALA C 233 24.18 7.41 -2.85
C ALA C 233 23.50 8.52 -2.04
N ARG C 234 23.96 9.76 -2.18
CA ARG C 234 23.36 10.86 -1.42
C ARG C 234 21.88 11.10 -1.78
N MET C 235 21.51 10.84 -3.05
CA MET C 235 20.12 11.04 -3.51
C MET C 235 19.19 9.94 -3.00
N THR C 236 19.71 8.75 -2.74
CA THR C 236 18.87 7.57 -2.44
C THR C 236 18.88 7.16 -0.97
N THR C 237 19.82 7.73 -0.21
CA THR C 237 20.00 7.38 1.22
C THR C 237 18.72 7.51 2.08
N ARG C 238 18.05 8.66 2.01
CA ARG C 238 16.86 8.82 2.87
C ARG C 238 15.78 7.79 2.58
N GLY C 239 15.47 7.58 1.30
CA GLY C 239 14.43 6.63 0.88
C GLY C 239 14.70 5.20 1.33
N LEU C 240 15.95 4.76 1.22
CA LEU C 240 16.35 3.44 1.71
C LEU C 240 16.34 3.38 3.23
N THR C 241 16.90 4.42 3.85
CA THR C 241 17.11 4.39 5.30
C THR C 241 15.79 4.55 6.06
N ILE C 242 14.91 5.43 5.60
CA ILE C 242 13.63 5.58 6.31
C ILE C 242 12.85 4.24 6.36
N VAL C 243 12.82 3.54 5.24
CA VAL C 243 12.13 2.27 5.12
C VAL C 243 12.81 1.21 5.97
N ASN C 244 14.13 1.07 5.82
CA ASN C 244 14.82 0.06 6.60
C ASN C 244 14.63 0.31 8.09
N ASP C 245 14.78 1.58 8.49
CA ASP C 245 14.69 1.94 9.89
C ASP C 245 13.32 1.63 10.47
N PHE C 246 12.26 1.93 9.71
CA PHE C 246 10.92 1.64 10.20
C PHE C 246 10.75 0.15 10.49
N TYR C 247 11.14 -0.70 9.55
CA TYR C 247 10.88 -2.15 9.70
C TYR C 247 11.88 -2.91 10.60
N SER C 248 12.96 -2.24 10.99
CA SER C 248 13.94 -2.87 11.86
C SER C 248 13.99 -2.19 13.23
N TYR C 249 13.11 -1.22 13.46
CA TYR C 249 13.14 -0.45 14.70
C TYR C 249 12.99 -1.32 15.97
N ASP C 250 11.92 -2.11 16.04
CA ASP C 250 11.68 -2.94 17.24
C ASP C 250 12.88 -3.84 17.58
N ARG C 251 13.39 -4.58 16.60
CA ARG C 251 14.58 -5.42 16.81
C ARG C 251 15.80 -4.57 17.25
N GLU C 252 16.09 -3.50 16.50
CA GLU C 252 17.29 -2.73 16.77
C GLU C 252 17.31 -2.09 18.16
N VAL C 253 16.17 -1.52 18.52
CA VAL C 253 15.97 -0.88 19.80
C VAL C 253 16.03 -1.92 20.95
N SER C 254 15.58 -3.14 20.68
CA SER C 254 15.66 -4.21 21.69
C SER C 254 17.11 -4.65 21.98
N LEU C 255 18.00 -4.41 21.02
CA LEU C 255 19.41 -4.80 21.13
C LEU C 255 20.31 -3.63 21.47
N GLY C 256 19.73 -2.48 21.81
CA GLY C 256 20.50 -1.29 22.18
C GLY C 256 21.10 -0.52 21.02
N GLN C 257 20.78 -0.89 19.79
CA GLN C 257 21.32 -0.21 18.61
C GLN C 257 20.75 1.18 18.39
N ILE C 258 21.59 2.14 18.03
CA ILE C 258 21.18 3.56 18.01
C ILE C 258 21.02 4.10 16.60
N THR C 259 21.38 3.26 15.63
CA THR C 259 21.42 3.70 14.25
C THR C 259 20.03 3.47 13.63
N ASN C 260 19.12 4.39 13.96
CA ASN C 260 17.76 4.31 13.48
C ASN C 260 17.11 5.68 13.67
N CYS C 261 16.56 6.27 12.61
CA CYS C 261 16.04 7.63 12.69
C CYS C 261 14.82 7.75 13.56
N PHE C 262 14.08 6.66 13.76
CA PHE C 262 12.88 6.78 14.59
C PHE C 262 13.17 6.96 16.08
N ARG C 263 14.42 6.75 16.46
CA ARG C 263 14.90 7.05 17.81
C ARG C 263 14.94 8.58 18.08
N LEU C 264 14.80 9.40 17.04
CA LEU C 264 14.79 10.86 17.19
C LEU C 264 13.43 11.39 17.59
N CYS C 265 12.46 10.50 17.66
CA CYS C 265 11.14 10.89 18.12
C CYS C 265 10.70 9.92 19.18
N ASP C 266 9.70 10.34 19.92
CA ASP C 266 9.10 9.46 20.90
C ASP C 266 8.01 8.61 20.22
N VAL C 267 8.37 7.39 19.81
CA VAL C 267 7.42 6.51 19.12
C VAL C 267 6.24 6.10 20.03
N SER C 268 6.29 6.47 21.31
CA SER C 268 5.19 6.23 22.27
C SER C 268 4.06 7.23 22.16
N ASP C 269 4.39 8.45 21.76
CA ASP C 269 3.40 9.51 21.64
C ASP C 269 2.86 9.43 20.22
N GLU C 270 1.66 8.88 20.06
CA GLU C 270 1.03 8.72 18.75
C GLU C 270 1.18 9.95 17.87
N THR C 271 0.83 11.12 18.40
CA THR C 271 0.87 12.35 17.60
C THR C 271 2.29 12.86 17.28
N ALA C 272 3.23 12.65 18.20
CA ALA C 272 4.65 12.93 17.89
C ALA C 272 5.14 12.01 16.77
N PHE C 273 4.81 10.71 16.87
CA PHE C 273 5.18 9.75 15.82
C PHE C 273 4.66 10.14 14.46
N LYS C 274 3.36 10.43 14.41
CA LYS C 274 2.71 10.71 13.15
C LYS C 274 3.31 11.94 12.50
N GLU C 275 3.63 12.95 13.30
CA GLU C 275 4.30 14.14 12.81
C GLU C 275 5.68 13.82 12.23
N PHE C 276 6.45 13.03 12.97
CA PHE C 276 7.79 12.62 12.53
C PHE C 276 7.73 11.76 11.26
N PHE C 277 6.83 10.78 11.24
CA PHE C 277 6.63 9.93 10.05
C PHE C 277 6.30 10.74 8.80
N GLN C 278 5.40 11.71 8.93
CA GLN C 278 5.05 12.57 7.79
C GLN C 278 6.25 13.41 7.29
N ALA C 279 7.05 13.92 8.23
CA ALA C 279 8.26 14.66 7.86
C ALA C 279 9.19 13.72 7.05
N ARG C 280 9.28 12.46 7.47
CA ARG C 280 10.09 11.49 6.71
C ARG C 280 9.51 11.15 5.33
N LEU C 281 8.19 11.01 5.22
CA LEU C 281 7.55 10.80 3.92
C LEU C 281 7.84 11.99 3.00
N ASP C 282 7.70 13.19 3.55
CA ASP C 282 8.03 14.44 2.85
C ASP C 282 9.49 14.44 2.34
N ASP C 283 10.43 13.96 3.16
CA ASP C 283 11.83 13.84 2.76
C ASP C 283 11.93 12.90 1.55
N MET C 284 11.25 11.76 1.65
CA MET C 284 11.26 10.74 0.60
C MET C 284 10.72 11.29 -0.72
N ILE C 285 9.60 12.00 -0.60
CA ILE C 285 8.95 12.68 -1.73
C ILE C 285 9.86 13.74 -2.36
N GLU C 286 10.48 14.59 -1.53
CA GLU C 286 11.37 15.64 -2.09
C GLU C 286 12.51 15.01 -2.88
N ASP C 287 13.07 13.96 -2.33
CA ASP C 287 14.14 13.24 -3.01
C ASP C 287 13.66 12.61 -4.34
N ILE C 288 12.51 11.94 -4.32
CA ILE C 288 11.98 11.34 -5.54
C ILE C 288 11.76 12.41 -6.62
N GLU C 289 11.17 13.53 -6.22
CA GLU C 289 10.94 14.57 -7.22
C GLU C 289 12.24 15.16 -7.79
N CYS C 290 13.25 15.37 -6.95
CA CYS C 290 14.58 15.74 -7.47
C CYS C 290 15.21 14.67 -8.37
N ILE C 291 15.11 13.40 -7.98
CA ILE C 291 15.58 12.28 -8.78
C ILE C 291 15.02 12.30 -10.20
N LYS C 292 13.78 12.76 -10.36
CA LYS C 292 13.21 12.80 -11.70
C LYS C 292 13.85 13.84 -12.63
N ALA C 293 14.76 14.66 -12.10
CA ALA C 293 15.52 15.60 -12.94
C ALA C 293 16.72 14.91 -13.58
N PHE C 294 17.10 13.73 -13.08
CA PHE C 294 18.21 13.00 -13.65
C PHE C 294 17.81 12.42 -15.00
N ASP C 295 18.79 11.98 -15.79
CA ASP C 295 18.47 11.34 -17.07
C ASP C 295 17.62 10.07 -16.85
N GLN C 296 16.75 9.76 -17.83
CA GLN C 296 15.77 8.71 -17.69
C GLN C 296 16.31 7.39 -17.13
N LEU C 297 17.39 6.86 -17.70
CA LEU C 297 17.91 5.60 -17.24
C LEU C 297 18.33 5.72 -15.77
N THR C 298 19.11 6.74 -15.46
CA THR C 298 19.60 6.92 -14.04
C THR C 298 18.43 7.01 -13.07
N GLN C 299 17.44 7.83 -13.42
CA GLN C 299 16.29 7.98 -12.56
C GLN C 299 15.55 6.66 -12.35
N ASP C 300 15.43 5.86 -13.42
CA ASP C 300 14.80 4.52 -13.34
C ASP C 300 15.52 3.67 -12.31
N VAL C 301 16.85 3.63 -12.39
CA VAL C 301 17.67 2.85 -11.47
C VAL C 301 17.54 3.33 -10.03
N PHE C 302 17.55 4.66 -9.81
CA PHE C 302 17.44 5.18 -8.43
C PHE C 302 16.07 4.83 -7.86
N LEU C 303 15.01 5.05 -8.64
CA LEU C 303 13.66 4.83 -8.12
C LEU C 303 13.35 3.34 -7.96
N ASP C 304 13.83 2.53 -8.90
CA ASP C 304 13.72 1.08 -8.73
C ASP C 304 14.41 0.60 -7.46
N LEU C 305 15.57 1.19 -7.14
CA LEU C 305 16.26 0.84 -5.88
C LEU C 305 15.44 1.18 -4.65
N ILE C 306 14.94 2.41 -4.57
CA ILE C 306 14.18 2.79 -3.36
C ILE C 306 12.86 1.99 -3.19
N TYR C 307 12.10 1.87 -4.27
CA TYR C 307 10.80 1.20 -4.26
C TYR C 307 11.01 -0.31 -4.15
N GLY C 308 11.98 -0.84 -4.90
CA GLY C 308 12.35 -2.28 -4.80
C GLY C 308 12.74 -2.68 -3.39
N ASN C 309 13.55 -1.85 -2.72
CA ASN C 309 13.94 -2.15 -1.34
C ASN C 309 12.74 -2.27 -0.39
N PHE C 310 11.78 -1.38 -0.57
CA PHE C 310 10.54 -1.42 0.23
C PHE C 310 9.75 -2.72 -0.02
N VAL C 311 9.58 -3.09 -1.28
CA VAL C 311 8.92 -4.36 -1.61
C VAL C 311 9.64 -5.55 -0.91
N TRP C 312 10.96 -5.65 -1.08
CA TRP C 312 11.75 -6.70 -0.44
C TRP C 312 11.62 -6.66 1.09
N THR C 313 11.76 -5.46 1.66
CA THR C 313 11.72 -5.29 3.11
C THR C 313 10.40 -5.79 3.75
N THR C 314 9.29 -5.53 3.06
CA THR C 314 8.00 -5.90 3.66
C THR C 314 7.65 -7.36 3.35
N SER C 315 8.48 -8.03 2.57
CA SER C 315 8.22 -9.44 2.27
C SER C 315 9.11 -10.41 3.03
N ASN C 316 10.17 -9.88 3.64
CA ASN C 316 11.31 -10.69 4.14
C ASN C 316 11.24 -11.04 5.63
N LYS C 317 11.60 -12.27 5.98
CA LYS C 317 11.60 -12.79 7.38
C LYS C 317 12.47 -11.97 8.36
N ARG C 318 13.53 -11.37 7.83
CA ARG C 318 14.54 -10.64 8.61
C ARG C 318 13.96 -9.55 9.53
N TYR C 319 12.85 -8.95 9.10
CA TYR C 319 12.25 -7.78 9.76
C TYR C 319 10.92 -8.05 10.52
N LYS C 320 10.69 -9.29 10.92
CA LYS C 320 9.40 -9.68 11.54
C LYS C 320 9.56 -10.17 12.99
N ASP D 36 18.16 40.80 -13.52
CA ASP D 36 17.27 40.86 -12.32
C ASP D 36 18.03 40.34 -11.11
N ILE D 37 18.06 39.02 -10.93
CA ILE D 37 18.94 38.38 -9.95
C ILE D 37 20.38 38.59 -10.42
N GLY D 38 20.58 38.56 -11.74
CA GLY D 38 21.87 38.86 -12.39
C GLY D 38 22.53 40.19 -12.02
N ARG D 39 21.78 41.11 -11.44
CA ARG D 39 22.38 42.35 -10.95
C ARG D 39 22.26 42.54 -9.42
N SER D 40 21.85 41.50 -8.70
CA SER D 40 21.75 41.59 -7.25
C SER D 40 23.14 41.49 -6.57
N SER D 41 23.18 41.80 -5.27
CA SER D 41 24.46 41.97 -4.57
C SER D 41 24.36 41.70 -3.06
N VAL D 42 25.41 41.12 -2.47
CA VAL D 42 25.52 41.03 -1.02
C VAL D 42 26.50 42.09 -0.46
N ARG D 43 26.92 42.99 -1.34
CA ARG D 43 27.82 44.11 -1.00
C ARG D 43 27.36 44.89 0.25
N PRO D 44 26.06 45.23 0.35
CA PRO D 44 25.57 45.89 1.57
C PRO D 44 25.91 45.15 2.87
N TYR D 45 26.13 43.83 2.78
CA TYR D 45 26.30 42.98 3.97
C TYR D 45 27.73 42.50 4.20
N LEU D 46 28.64 42.90 3.32
CA LEU D 46 29.99 42.38 3.32
C LEU D 46 30.72 42.51 4.68
N GLU D 47 30.77 43.71 5.23
CA GLU D 47 31.48 43.97 6.48
C GLU D 47 30.83 43.23 7.66
N GLU D 48 29.50 43.32 7.78
CA GLU D 48 28.82 42.68 8.90
C GLU D 48 28.97 41.16 8.84
N CYS D 49 28.82 40.58 7.65
CA CYS D 49 28.93 39.12 7.53
C CYS D 49 30.34 38.63 7.81
N THR D 50 31.36 39.38 7.35
CA THR D 50 32.74 39.04 7.60
C THR D 50 33.02 39.07 9.11
N ARG D 51 32.58 40.12 9.78
CA ARG D 51 32.72 40.24 11.22
C ARG D 51 32.03 39.07 11.97
N ARG D 52 30.83 38.72 11.51
CA ARG D 52 30.05 37.67 12.14
C ARG D 52 30.63 36.29 11.90
N PHE D 53 31.19 36.06 10.71
CA PHE D 53 31.88 34.80 10.46
C PHE D 53 33.05 34.67 11.43
N GLN D 54 33.86 35.72 11.51
CA GLN D 54 35.06 35.70 12.38
C GLN D 54 34.68 35.48 13.84
N GLU D 55 33.61 36.14 14.28
CA GLU D 55 33.16 36.01 15.67
C GLU D 55 32.75 34.57 15.95
N MET D 56 32.06 33.96 14.97
CA MET D 56 31.62 32.58 15.07
C MET D 56 32.82 31.65 15.20
N PHE D 57 33.81 31.82 14.31
CA PHE D 57 35.03 31.00 14.39
C PHE D 57 35.80 31.18 15.71
N ASP D 58 35.93 32.41 16.18
CA ASP D 58 36.61 32.68 17.46
C ASP D 58 35.92 31.98 18.63
N ARG D 59 34.60 31.92 18.60
CA ARG D 59 33.84 31.26 19.64
C ARG D 59 33.92 29.72 19.51
N HIS D 60 33.67 29.20 18.32
CA HIS D 60 33.43 27.76 18.12
C HIS D 60 34.65 26.92 17.74
N VAL D 61 35.61 27.51 17.04
CA VAL D 61 36.80 26.79 16.64
C VAL D 61 37.98 27.12 17.57
N VAL D 62 38.19 28.42 17.79
CA VAL D 62 39.18 28.95 18.75
C VAL D 62 40.60 28.96 18.21
N THR D 63 41.16 27.78 17.92
CA THR D 63 42.49 27.66 17.30
C THR D 63 42.55 28.42 15.99
N ARG D 64 43.42 29.43 15.94
CA ARG D 64 43.56 30.28 14.77
C ARG D 64 44.29 29.52 13.67
N PRO D 65 43.89 29.71 12.40
CA PRO D 65 44.65 29.15 11.27
C PRO D 65 46.06 29.69 11.23
N THR D 66 46.99 28.81 10.85
CA THR D 66 48.37 29.17 10.60
C THR D 66 48.70 28.67 9.22
N LYS D 67 49.77 29.20 8.64
CA LYS D 67 50.12 28.92 7.26
C LYS D 67 51.27 27.92 7.21
N VAL D 68 51.13 26.88 6.41
CA VAL D 68 52.19 25.87 6.26
C VAL D 68 53.33 26.54 5.51
N GLU D 69 54.55 26.33 6.01
CA GLU D 69 55.75 26.84 5.37
C GLU D 69 56.33 25.89 4.34
N LEU D 70 56.48 26.39 3.12
CA LEU D 70 57.25 25.76 2.08
C LEU D 70 58.62 26.44 1.99
N THR D 71 59.67 25.64 1.91
CA THR D 71 60.98 26.19 1.56
C THR D 71 60.93 26.74 0.14
N ASP D 72 61.94 27.52 -0.23
CA ASP D 72 62.05 28.11 -1.56
C ASP D 72 62.10 27.01 -2.60
N ALA D 73 62.84 25.94 -2.30
CA ALA D 73 62.95 24.81 -3.21
C ALA D 73 61.59 24.11 -3.42
N GLU D 74 60.84 23.97 -2.33
CA GLU D 74 59.54 23.30 -2.35
C GLU D 74 58.52 24.04 -3.21
N LEU D 75 58.43 25.35 -3.02
CA LEU D 75 57.53 26.17 -3.84
C LEU D 75 57.94 26.13 -5.31
N ARG D 76 59.25 26.17 -5.55
CA ARG D 76 59.77 26.04 -6.89
C ARG D 76 59.34 24.72 -7.53
N GLU D 77 59.46 23.63 -6.78
CA GLU D 77 59.05 22.34 -7.29
C GLU D 77 57.55 22.36 -7.61
N VAL D 78 56.75 22.83 -6.68
CA VAL D 78 55.30 22.96 -6.92
C VAL D 78 55.00 23.75 -8.21
N ILE D 79 55.57 24.94 -8.33
CA ILE D 79 55.31 25.80 -9.49
C ILE D 79 55.79 25.14 -10.80
N ASP D 80 56.98 24.54 -10.79
CA ASP D 80 57.47 23.80 -11.96
C ASP D 80 56.48 22.71 -12.43
N ASP D 81 55.92 21.95 -11.46
CA ASP D 81 54.96 20.90 -11.76
C ASP D 81 53.63 21.42 -12.29
N CYS D 82 53.17 22.53 -11.71
CA CYS D 82 51.98 23.25 -12.18
C CYS D 82 52.13 23.68 -13.64
N ASN D 83 53.24 24.36 -13.93
CA ASN D 83 53.55 24.81 -15.30
C ASN D 83 53.59 23.66 -16.27
N ALA D 84 54.27 22.58 -15.89
CA ALA D 84 54.35 21.40 -16.76
C ALA D 84 52.99 20.71 -17.01
N ALA D 85 52.09 20.78 -16.04
CA ALA D 85 50.81 20.10 -16.17
C ALA D 85 49.88 20.83 -17.12
N VAL D 86 49.97 22.16 -17.15
CA VAL D 86 49.07 22.98 -17.95
C VAL D 86 49.69 23.42 -19.29
N ALA D 87 50.98 23.16 -19.48
CA ALA D 87 51.62 23.51 -20.75
C ALA D 87 50.98 22.84 -21.98
N PRO D 88 50.59 21.54 -21.89
CA PRO D 88 49.95 20.92 -23.07
C PRO D 88 48.65 21.61 -23.48
N LEU D 89 48.05 22.35 -22.55
CA LEU D 89 46.85 23.14 -22.85
C LEU D 89 47.17 24.52 -23.45
N GLY D 90 48.45 24.78 -23.70
CA GLY D 90 48.91 26.09 -24.20
C GLY D 90 48.71 27.19 -23.17
N LYS D 91 48.84 26.82 -21.90
CA LYS D 91 48.58 27.73 -20.79
C LYS D 91 49.88 28.22 -20.20
N THR D 92 50.04 29.54 -20.12
CA THR D 92 51.14 30.12 -19.37
C THR D 92 50.54 30.92 -18.22
N VAL D 93 51.10 30.71 -17.03
CA VAL D 93 50.57 31.25 -15.79
C VAL D 93 51.74 31.75 -14.95
N SER D 94 51.58 32.93 -14.38
CA SER D 94 52.61 33.56 -13.54
C SER D 94 52.77 32.91 -12.16
N ASP D 95 53.99 32.95 -11.63
CA ASP D 95 54.23 32.59 -10.22
C ASP D 95 53.20 33.24 -9.29
N GLU D 96 52.94 34.54 -9.51
CA GLU D 96 52.02 35.26 -8.64
C GLU D 96 50.62 34.65 -8.66
N ARG D 97 50.16 34.26 -9.85
CA ARG D 97 48.86 33.64 -9.98
C ARG D 97 48.84 32.25 -9.30
N TRP D 98 49.89 31.46 -9.51
CA TRP D 98 50.04 30.16 -8.84
C TRP D 98 50.03 30.33 -7.32
N ILE D 99 50.79 31.30 -6.81
CA ILE D 99 50.91 31.56 -5.35
C ILE D 99 49.56 31.98 -4.77
N SER D 100 48.80 32.73 -5.56
CA SER D 100 47.43 33.10 -5.24
C SER D 100 46.57 31.87 -4.97
N TYR D 101 46.64 30.90 -5.90
CA TYR D 101 45.88 29.66 -5.80
C TYR D 101 46.36 28.77 -4.65
N VAL D 102 47.68 28.63 -4.49
CA VAL D 102 48.22 27.68 -3.50
C VAL D 102 47.94 28.08 -2.04
N GLY D 103 47.66 29.37 -1.84
CA GLY D 103 47.39 29.92 -0.51
C GLY D 103 46.27 29.19 0.19
N VAL D 104 45.27 28.72 -0.56
CA VAL D 104 44.17 27.98 0.10
C VAL D 104 44.71 26.70 0.72
N VAL D 105 45.70 26.08 0.08
CA VAL D 105 46.29 24.85 0.64
C VAL D 105 47.18 25.18 1.85
N LEU D 106 48.01 26.21 1.70
CA LEU D 106 48.93 26.62 2.78
C LEU D 106 48.17 27.02 4.03
N TRP D 107 47.01 27.66 3.85
CA TRP D 107 46.23 28.11 5.01
C TRP D 107 45.23 27.08 5.55
N SER D 108 44.68 26.23 4.68
CA SER D 108 43.55 25.39 5.11
C SER D 108 44.00 24.03 5.62
N GLN D 109 45.21 23.60 5.28
CA GLN D 109 45.75 22.35 5.82
C GLN D 109 46.16 22.60 7.27
N SER D 110 46.55 21.54 7.98
CA SER D 110 46.79 21.59 9.43
C SER D 110 48.28 21.34 9.73
N PRO D 111 49.11 22.41 9.85
CA PRO D 111 50.58 22.16 9.91
C PRO D 111 51.07 21.31 11.09
N ARG D 112 50.40 21.39 12.23
CA ARG D 112 50.80 20.58 13.39
C ARG D 112 50.86 19.10 13.03
N HIS D 113 49.97 18.67 12.13
CA HIS D 113 49.71 17.24 11.93
C HIS D 113 50.38 16.64 10.70
N ILE D 114 51.05 17.48 9.92
CA ILE D 114 51.72 17.01 8.69
C ILE D 114 52.82 15.95 8.94
N LYS D 115 52.76 14.86 8.17
CA LYS D 115 53.80 13.83 8.24
C LYS D 115 54.42 13.56 6.89
N ASP D 116 53.70 13.88 5.82
CA ASP D 116 54.22 13.60 4.49
C ASP D 116 54.15 14.85 3.63
N MET D 117 55.30 15.52 3.50
CA MET D 117 55.43 16.69 2.62
C MET D 117 55.40 16.40 1.11
N GLU D 118 55.63 15.15 0.69
CA GLU D 118 55.45 14.81 -0.73
C GLU D 118 53.94 14.88 -1.09
N ALA D 119 53.12 14.23 -0.27
CA ALA D 119 51.65 14.35 -0.35
C ALA D 119 51.22 15.83 -0.27
N PHE D 120 51.85 16.61 0.61
CA PHE D 120 51.52 18.03 0.69
C PHE D 120 51.71 18.81 -0.61
N LYS D 121 52.86 18.63 -1.26
CA LYS D 121 53.13 19.29 -2.56
C LYS D 121 52.18 18.76 -3.64
N ALA D 122 51.85 17.46 -3.60
CA ALA D 122 50.81 16.91 -4.48
C ALA D 122 49.51 17.71 -4.37
N VAL D 123 49.06 17.95 -3.15
CA VAL D 123 47.83 18.76 -2.99
C VAL D 123 48.05 20.18 -3.53
N CYS D 124 49.21 20.77 -3.23
CA CYS D 124 49.51 22.11 -3.81
C CYS D 124 49.32 22.10 -5.33
N VAL D 125 49.99 21.15 -5.99
CA VAL D 125 49.94 21.09 -7.44
C VAL D 125 48.50 20.79 -7.92
N LEU D 126 47.86 19.78 -7.35
CA LEU D 126 46.55 19.38 -7.87
C LEU D 126 45.53 20.49 -7.69
N ASN D 127 45.55 21.12 -6.52
CA ASN D 127 44.69 22.26 -6.24
C ASN D 127 44.90 23.36 -7.31
N CYS D 128 46.17 23.75 -7.51
CA CYS D 128 46.44 24.88 -8.44
C CYS D 128 46.04 24.58 -9.87
N VAL D 129 46.36 23.39 -10.36
CA VAL D 129 46.06 23.11 -11.78
C VAL D 129 44.54 22.95 -12.00
N THR D 130 43.83 22.50 -10.97
CA THR D 130 42.39 22.40 -11.05
C THR D 130 41.76 23.81 -11.06
N PHE D 131 42.27 24.71 -10.23
CA PHE D 131 41.92 26.15 -10.36
C PHE D 131 42.09 26.68 -11.78
N VAL D 132 43.25 26.42 -12.39
CA VAL D 132 43.50 26.94 -13.76
C VAL D 132 42.49 26.34 -14.75
N TRP D 133 42.28 25.04 -14.65
CA TRP D 133 41.31 24.33 -15.48
C TRP D 133 39.93 24.94 -15.34
N ASP D 134 39.51 25.21 -14.11
CA ASP D 134 38.19 25.74 -13.84
C ASP D 134 38.03 27.17 -14.34
N ASP D 135 39.12 27.92 -14.40
CA ASP D 135 39.07 29.30 -14.91
C ASP D 135 39.10 29.38 -16.44
N MET D 136 39.46 28.28 -17.11
CA MET D 136 39.51 28.23 -18.58
C MET D 136 38.14 28.21 -19.25
N ASP D 137 38.06 28.82 -20.43
CA ASP D 137 36.91 28.63 -21.34
C ASP D 137 36.73 27.11 -21.58
N PRO D 138 35.55 26.58 -21.22
CA PRO D 138 35.25 25.13 -21.33
C PRO D 138 35.43 24.58 -22.74
N ALA D 139 35.24 25.42 -23.75
CA ALA D 139 35.50 25.02 -25.14
C ALA D 139 36.94 24.52 -25.32
N LEU D 140 37.84 24.97 -24.44
CA LEU D 140 39.28 24.68 -24.55
C LEU D 140 39.76 23.51 -23.67
N HIS D 141 38.84 22.90 -22.94
CA HIS D 141 39.11 21.76 -22.08
C HIS D 141 39.41 20.53 -22.88
N ASP D 142 40.64 20.02 -22.75
CA ASP D 142 41.00 18.83 -23.51
C ASP D 142 41.35 17.76 -22.50
N PHE D 143 40.39 16.91 -22.19
CA PHE D 143 40.58 15.85 -21.21
C PHE D 143 41.69 14.88 -21.60
N GLY D 144 41.80 14.56 -22.90
CA GLY D 144 42.86 13.69 -23.41
C GLY D 144 44.24 14.16 -23.03
N LEU D 145 44.41 15.49 -22.98
CA LEU D 145 45.67 16.09 -22.61
C LEU D 145 45.81 16.33 -21.11
N PHE D 146 44.70 16.68 -20.44
CA PHE D 146 44.75 17.09 -19.02
C PHE D 146 44.81 15.91 -18.06
N LEU D 147 43.93 14.95 -18.27
CA LEU D 147 43.87 13.77 -17.37
C LEU D 147 45.22 13.05 -17.17
N PRO D 148 46.01 12.81 -18.25
CA PRO D 148 47.29 12.17 -17.98
C PRO D 148 48.28 13.03 -17.19
N GLN D 149 48.17 14.35 -17.29
CA GLN D 149 48.96 15.22 -16.42
C GLN D 149 48.58 15.07 -14.92
N LEU D 150 47.28 14.98 -14.62
CA LEU D 150 46.85 14.72 -13.23
C LEU D 150 47.36 13.35 -12.77
N ARG D 151 47.29 12.36 -13.65
CA ARG D 151 47.86 11.04 -13.32
C ARG D 151 49.37 11.12 -13.01
N LYS D 152 50.12 11.84 -13.84
CA LYS D 152 51.56 12.03 -13.62
C LYS D 152 51.91 12.65 -12.24
N ILE D 153 51.16 13.66 -11.84
CA ILE D 153 51.33 14.30 -10.53
C ILE D 153 51.12 13.27 -9.42
N CYS D 154 50.02 12.52 -9.53
CA CYS D 154 49.66 11.56 -8.49
C CYS D 154 50.71 10.48 -8.34
N GLU D 155 51.17 9.94 -9.47
CA GLU D 155 52.21 8.92 -9.46
C GLU D 155 53.56 9.39 -8.92
N LYS D 156 53.88 10.66 -9.14
CA LYS D 156 55.11 11.26 -8.62
C LYS D 156 55.16 11.30 -7.09
N TYR D 157 54.04 11.75 -6.50
CA TYR D 157 54.03 12.15 -5.10
C TYR D 157 53.48 11.13 -4.11
N TYR D 158 52.66 10.20 -4.59
CA TYR D 158 51.96 9.27 -3.70
C TYR D 158 52.44 7.86 -3.91
N GLY D 159 52.28 7.01 -2.90
CA GLY D 159 52.41 5.55 -3.10
C GLY D 159 51.38 5.03 -4.08
N PRO D 160 51.52 3.76 -4.53
CA PRO D 160 50.61 3.24 -5.56
C PRO D 160 49.14 3.30 -5.15
N GLU D 161 48.82 2.94 -3.91
CA GLU D 161 47.43 2.93 -3.46
C GLU D 161 46.86 4.34 -3.39
N ASP D 162 47.63 5.27 -2.83
CA ASP D 162 47.14 6.62 -2.65
C ASP D 162 47.04 7.33 -3.99
N ALA D 163 47.97 7.03 -4.91
CA ALA D 163 47.96 7.64 -6.25
C ALA D 163 46.66 7.32 -6.97
N GLU D 164 46.17 6.09 -6.79
CA GLU D 164 44.90 5.68 -7.41
C GLU D 164 43.72 6.41 -6.78
N VAL D 165 43.72 6.58 -5.46
CA VAL D 165 42.59 7.23 -4.77
C VAL D 165 42.57 8.73 -5.11
N ALA D 166 43.73 9.37 -5.07
CA ALA D 166 43.80 10.81 -5.39
C ALA D 166 43.42 11.06 -6.84
N TYR D 167 43.93 10.24 -7.75
CA TYR D 167 43.67 10.44 -9.17
C TYR D 167 42.18 10.19 -9.50
N GLU D 168 41.62 9.12 -8.98
CA GLU D 168 40.19 8.86 -9.14
C GLU D 168 39.35 10.07 -8.70
N ALA D 169 39.63 10.64 -7.51
CA ALA D 169 38.86 11.80 -7.03
C ALA D 169 39.04 13.03 -7.93
N ALA D 170 40.26 13.30 -8.38
CA ALA D 170 40.50 14.36 -9.37
C ALA D 170 39.69 14.15 -10.64
N ARG D 171 39.79 12.95 -11.23
CA ARG D 171 39.07 12.56 -12.46
C ARG D 171 37.57 12.74 -12.33
N ALA D 172 37.02 12.21 -11.24
CA ALA D 172 35.59 12.34 -10.92
C ALA D 172 35.17 13.79 -10.83
N PHE D 173 35.96 14.61 -10.10
CA PHE D 173 35.65 16.02 -9.93
C PHE D 173 35.54 16.72 -11.27
N VAL D 174 36.56 16.53 -12.07
CA VAL D 174 36.67 17.26 -13.31
C VAL D 174 35.62 16.70 -14.34
N THR D 175 35.34 15.42 -14.28
CA THR D 175 34.31 14.82 -15.13
C THR D 175 32.88 15.27 -14.74
N SER D 176 32.57 15.26 -13.44
CA SER D 176 31.28 15.81 -12.92
C SER D 176 31.04 17.19 -13.48
N ASP D 177 32.05 18.03 -13.33
CA ASP D 177 31.97 19.42 -13.73
C ASP D 177 31.57 19.54 -15.20
N HIS D 178 32.15 18.71 -16.06
CA HIS D 178 31.80 18.73 -17.49
C HIS D 178 30.41 18.18 -17.77
N MET D 179 30.18 16.96 -17.31
CA MET D 179 29.02 16.19 -17.74
C MET D 179 27.71 16.83 -17.32
N PHE D 180 27.76 17.55 -16.20
CA PHE D 180 26.54 18.04 -15.61
C PHE D 180 26.58 19.55 -15.51
N ARG D 181 27.25 20.19 -16.50
CA ARG D 181 27.39 21.65 -16.65
C ARG D 181 26.11 22.43 -16.90
N ASP D 182 25.34 22.05 -17.92
CA ASP D 182 24.03 22.65 -18.16
C ASP D 182 22.92 21.62 -17.92
N SER D 183 23.14 20.78 -16.90
CA SER D 183 22.24 19.69 -16.60
C SER D 183 21.02 20.20 -15.86
N PRO D 184 19.84 19.63 -16.17
CA PRO D 184 18.64 19.89 -15.36
C PRO D 184 18.84 19.47 -13.91
N ILE D 185 19.72 18.49 -13.65
CA ILE D 185 19.98 18.04 -12.26
C ILE D 185 20.55 19.17 -11.40
N LYS D 186 21.53 19.90 -11.96
CA LYS D 186 22.15 21.01 -11.25
C LYS D 186 21.09 22.03 -10.87
N ALA D 187 20.23 22.37 -11.83
CA ALA D 187 19.16 23.33 -11.59
C ALA D 187 18.23 22.84 -10.50
N ALA D 188 17.78 21.59 -10.63
CA ALA D 188 16.88 20.98 -9.64
C ALA D 188 17.51 20.98 -8.25
N LEU D 189 18.76 20.54 -8.16
CA LEU D 189 19.43 20.48 -6.85
C LEU D 189 19.73 21.85 -6.24
N CYS D 190 20.11 22.79 -7.09
CA CYS D 190 20.52 24.11 -6.61
C CYS D 190 19.38 25.03 -6.26
N THR D 191 18.18 24.74 -6.74
CA THR D 191 17.06 25.64 -6.51
C THR D 191 16.02 25.07 -5.53
N THR D 192 16.14 23.79 -5.18
CA THR D 192 15.12 23.10 -4.37
C THR D 192 15.12 23.48 -2.89
N SER D 193 16.26 23.35 -2.22
CA SER D 193 16.38 23.66 -0.78
C SER D 193 17.86 23.74 -0.43
N PRO D 194 18.22 24.29 0.75
CA PRO D 194 19.65 24.29 1.10
C PRO D 194 20.22 22.88 1.16
N GLU D 195 19.46 21.93 1.72
CA GLU D 195 19.93 20.51 1.83
C GLU D 195 20.25 19.90 0.48
N GLN D 196 19.35 20.06 -0.49
CA GLN D 196 19.63 19.50 -1.82
C GLN D 196 20.85 20.22 -2.42
N TYR D 197 20.94 21.54 -2.19
CA TYR D 197 22.03 22.30 -2.76
C TYR D 197 23.39 21.77 -2.20
N PHE D 198 23.49 21.61 -0.88
CA PHE D 198 24.74 21.17 -0.25
C PHE D 198 25.09 19.71 -0.61
N ARG D 199 24.08 18.89 -0.84
CA ARG D 199 24.25 17.55 -1.36
C ARG D 199 25.01 17.55 -2.69
N PHE D 200 24.66 18.50 -3.57
CA PHE D 200 25.36 18.64 -4.83
C PHE D 200 26.80 19.14 -4.65
N ARG D 201 26.97 20.09 -3.73
CA ARG D 201 28.29 20.70 -3.52
C ARG D 201 29.32 19.78 -2.83
N VAL D 202 28.87 18.74 -2.15
CA VAL D 202 29.84 17.78 -1.58
C VAL D 202 30.90 17.42 -2.60
N THR D 203 30.45 17.19 -3.84
CA THR D 203 31.36 16.94 -4.96
C THR D 203 31.71 18.25 -5.66
N ASP D 204 30.71 19.09 -5.87
CA ASP D 204 30.88 20.22 -6.81
C ASP D 204 31.78 21.34 -6.27
N ILE D 205 31.81 21.52 -4.96
CA ILE D 205 32.75 22.53 -4.35
C ILE D 205 34.18 21.96 -4.34
N GLY D 206 34.28 20.65 -4.55
CA GLY D 206 35.58 20.00 -4.60
C GLY D 206 36.10 19.44 -3.27
N VAL D 207 35.29 19.47 -2.22
CA VAL D 207 35.79 19.02 -0.91
C VAL D 207 36.06 17.51 -0.88
N ASP D 208 35.27 16.69 -1.58
CA ASP D 208 35.56 15.23 -1.59
C ASP D 208 36.92 14.94 -2.23
N PHE D 209 37.22 15.68 -3.28
CA PHE D 209 38.53 15.58 -3.96
C PHE D 209 39.64 16.03 -3.00
N TRP D 210 39.43 17.18 -2.35
CA TRP D 210 40.36 17.67 -1.32
C TRP D 210 40.69 16.63 -0.25
N MET D 211 39.67 16.00 0.33
CA MET D 211 39.90 14.99 1.35
C MET D 211 40.64 13.79 0.81
N LYS D 212 40.26 13.37 -0.40
CA LYS D 212 40.85 12.17 -0.98
C LYS D 212 42.29 12.37 -1.48
N MET D 213 42.70 13.62 -1.71
CA MET D 213 44.14 13.89 -2.02
C MET D 213 44.94 14.30 -0.78
N SER D 214 44.22 14.67 0.28
CA SER D 214 44.87 15.21 1.47
C SER D 214 45.19 14.19 2.57
N TYR D 215 44.46 13.08 2.65
CA TYR D 215 44.68 12.17 3.77
C TYR D 215 46.14 11.62 3.86
N PRO D 216 46.83 11.40 2.71
CA PRO D 216 48.22 10.93 2.89
C PRO D 216 49.15 11.94 3.56
N ILE D 217 48.79 13.22 3.55
CA ILE D 217 49.60 14.25 4.25
C ILE D 217 49.76 13.86 5.72
N TYR D 218 48.68 13.34 6.29
CA TYR D 218 48.57 13.11 7.74
C TYR D 218 48.89 11.69 8.19
N ARG D 219 48.66 10.72 7.32
CA ARG D 219 48.88 9.30 7.63
C ARG D 219 48.23 8.91 8.95
N HIS D 220 47.00 9.40 9.14
CA HIS D 220 46.27 9.18 10.37
C HIS D 220 45.14 8.23 9.99
N PRO D 221 45.17 6.99 10.53
CA PRO D 221 44.21 5.95 10.18
C PRO D 221 42.75 6.43 10.13
N GLU D 222 42.27 7.08 11.19
CA GLU D 222 40.85 7.50 11.26
C GLU D 222 40.51 8.52 10.17
N PHE D 223 41.42 9.47 9.96
CA PHE D 223 41.19 10.51 8.94
C PHE D 223 41.16 9.89 7.56
N THR D 224 42.10 8.98 7.31
CA THR D 224 42.13 8.21 6.08
C THR D 224 40.77 7.56 5.77
N GLU D 225 40.19 6.86 6.73
CA GLU D 225 38.88 6.22 6.51
C GLU D 225 37.78 7.24 6.29
N HIS D 226 37.71 8.28 7.11
CA HIS D 226 36.68 9.33 6.88
C HIS D 226 36.81 10.02 5.52
N ALA D 227 38.05 10.21 5.08
CA ALA D 227 38.30 10.72 3.72
C ALA D 227 37.73 9.74 2.67
N LYS D 228 38.05 8.46 2.82
CA LYS D 228 37.65 7.46 1.81
C LYS D 228 36.14 7.13 1.74
N THR D 229 35.41 7.33 2.85
CA THR D 229 33.98 7.09 2.89
C THR D 229 33.23 8.37 2.47
N SER D 230 33.97 9.48 2.38
CA SER D 230 33.44 10.82 2.17
C SER D 230 32.68 11.42 3.34
N LEU D 231 32.67 10.75 4.50
CA LEU D 231 32.09 11.38 5.71
C LEU D 231 32.86 12.69 6.00
N ALA D 232 34.20 12.70 5.78
CA ALA D 232 35.01 13.92 5.95
C ALA D 232 34.44 15.07 5.12
N ALA D 233 34.20 14.79 3.85
CA ALA D 233 33.65 15.79 2.96
C ALA D 233 32.23 16.19 3.40
N ARG D 234 31.41 15.22 3.82
CA ARG D 234 30.01 15.54 4.15
C ARG D 234 29.95 16.43 5.39
N MET D 235 30.91 16.26 6.32
CA MET D 235 30.96 17.09 7.56
C MET D 235 31.40 18.53 7.31
N THR D 236 32.18 18.74 6.24
CA THR D 236 32.84 20.05 6.05
C THR D 236 32.27 20.85 4.89
N THR D 237 31.42 20.23 4.08
CA THR D 237 30.85 20.91 2.89
C THR D 237 30.17 22.24 3.21
N ARG D 238 29.29 22.27 4.22
CA ARG D 238 28.52 23.50 4.45
C ARG D 238 29.39 24.68 4.86
N GLY D 239 30.37 24.40 5.72
CA GLY D 239 31.23 25.47 6.25
C GLY D 239 32.10 26.08 5.18
N LEU D 240 32.60 25.23 4.29
CA LEU D 240 33.38 25.65 3.12
C LEU D 240 32.50 26.38 2.11
N THR D 241 31.32 25.80 1.84
CA THR D 241 30.45 26.30 0.76
C THR D 241 29.77 27.60 1.12
N ILE D 242 29.31 27.71 2.37
CA ILE D 242 28.65 28.94 2.77
C ILE D 242 29.59 30.15 2.62
N VAL D 243 30.83 29.99 3.05
CA VAL D 243 31.85 31.03 3.01
C VAL D 243 32.20 31.33 1.55
N ASN D 244 32.54 30.29 0.77
CA ASN D 244 32.85 30.54 -0.64
C ASN D 244 31.69 31.23 -1.33
N ASP D 245 30.49 30.73 -1.12
CA ASP D 245 29.30 31.33 -1.77
C ASP D 245 29.10 32.79 -1.40
N PHE D 246 29.32 33.13 -0.14
CA PHE D 246 29.08 34.50 0.24
C PHE D 246 30.01 35.45 -0.53
N TYR D 247 31.30 35.13 -0.56
CA TYR D 247 32.32 35.99 -1.18
C TYR D 247 32.42 35.89 -2.70
N SER D 248 31.68 34.97 -3.30
CA SER D 248 31.69 34.86 -4.77
C SER D 248 30.33 35.15 -5.39
N TYR D 249 29.35 35.49 -4.54
CA TYR D 249 27.97 35.71 -4.97
C TYR D 249 27.85 36.77 -6.06
N ASP D 250 28.40 37.96 -5.81
CA ASP D 250 28.29 39.05 -6.77
C ASP D 250 28.85 38.69 -8.14
N ARG D 251 30.03 38.11 -8.18
CA ARG D 251 30.63 37.69 -9.45
C ARG D 251 29.83 36.55 -10.14
N GLU D 252 29.48 35.53 -9.37
CA GLU D 252 28.77 34.39 -9.94
C GLU D 252 27.42 34.77 -10.54
N VAL D 253 26.69 35.60 -9.84
CA VAL D 253 25.39 36.08 -10.27
C VAL D 253 25.49 37.00 -11.51
N SER D 254 26.50 37.85 -11.54
CA SER D 254 26.79 38.68 -12.72
C SER D 254 27.07 37.82 -13.96
N LEU D 255 27.46 36.57 -13.75
CA LEU D 255 27.76 35.67 -14.86
C LEU D 255 26.65 34.64 -15.10
N GLY D 256 25.53 34.77 -14.40
CA GLY D 256 24.41 33.84 -14.55
C GLY D 256 24.61 32.46 -13.92
N GLN D 257 25.66 32.29 -13.11
CA GLN D 257 25.95 31.01 -12.47
C GLN D 257 24.98 30.75 -11.33
N ILE D 258 24.49 29.51 -11.23
CA ILE D 258 23.40 29.22 -10.30
C ILE D 258 23.88 28.47 -9.05
N THR D 259 25.16 28.09 -9.04
CA THR D 259 25.73 27.31 -7.95
C THR D 259 26.15 28.19 -6.75
N ASN D 260 25.16 28.62 -5.95
CA ASN D 260 25.39 29.54 -4.84
C ASN D 260 24.18 29.54 -3.94
N CYS D 261 24.36 29.21 -2.67
CA CYS D 261 23.20 29.05 -1.78
C CYS D 261 22.45 30.35 -1.55
N PHE D 262 23.12 31.50 -1.76
CA PHE D 262 22.44 32.78 -1.47
C PHE D 262 21.42 33.16 -2.53
N ARG D 263 21.44 32.45 -3.64
CA ARG D 263 20.37 32.52 -4.64
C ARG D 263 19.03 31.98 -4.13
N LEU D 264 19.05 31.20 -3.05
CA LEU D 264 17.83 30.68 -2.46
C LEU D 264 17.05 31.70 -1.64
N CYS D 265 17.63 32.88 -1.42
CA CYS D 265 16.94 33.95 -0.71
C CYS D 265 16.96 35.22 -1.55
N ASP D 266 16.11 36.16 -1.20
CA ASP D 266 16.11 37.46 -1.85
C ASP D 266 17.11 38.39 -1.15
N VAL D 267 18.34 38.43 -1.66
CA VAL D 267 19.38 39.24 -1.02
C VAL D 267 19.06 40.73 -1.00
N SER D 268 18.04 41.15 -1.78
CA SER D 268 17.58 42.55 -1.78
C SER D 268 16.84 42.89 -0.50
N ASP D 269 16.08 41.92 -0.01
CA ASP D 269 15.31 42.09 1.22
C ASP D 269 16.23 41.84 2.41
N GLU D 270 16.67 42.94 3.01
CA GLU D 270 17.51 42.95 4.21
C GLU D 270 17.04 41.95 5.26
N THR D 271 15.75 41.98 5.60
CA THR D 271 15.16 41.06 6.58
C THR D 271 15.28 39.59 6.14
N ALA D 272 14.96 39.30 4.88
CA ALA D 272 15.09 37.93 4.36
C ALA D 272 16.55 37.49 4.36
N PHE D 273 17.44 38.39 3.97
CA PHE D 273 18.86 38.04 3.92
C PHE D 273 19.39 37.66 5.29
N LYS D 274 19.11 38.49 6.29
CA LYS D 274 19.63 38.26 7.64
C LYS D 274 19.09 36.98 8.28
N GLU D 275 17.83 36.65 8.03
CA GLU D 275 17.25 35.37 8.42
C GLU D 275 18.01 34.20 7.77
N PHE D 276 18.20 34.28 6.45
CA PHE D 276 18.87 33.22 5.68
C PHE D 276 20.31 33.10 6.16
N PHE D 277 20.98 34.25 6.35
CA PHE D 277 22.37 34.23 6.82
C PHE D 277 22.49 33.59 8.20
N GLN D 278 21.58 33.92 9.10
CA GLN D 278 21.60 33.29 10.41
C GLN D 278 21.39 31.77 10.34
N ALA D 279 20.47 31.34 9.47
CA ALA D 279 20.25 29.92 9.23
C ALA D 279 21.55 29.25 8.75
N ARG D 280 22.29 29.92 7.86
CA ARG D 280 23.57 29.34 7.40
C ARG D 280 24.62 29.30 8.52
N LEU D 281 24.71 30.36 9.31
CA LEU D 281 25.59 30.35 10.50
C LEU D 281 25.22 29.19 11.43
N ASP D 282 23.93 28.99 11.68
CA ASP D 282 23.48 27.88 12.54
C ASP D 282 23.90 26.54 11.93
N ASP D 283 23.82 26.38 10.60
CA ASP D 283 24.32 25.17 9.93
C ASP D 283 25.82 24.92 10.23
N MET D 284 26.62 25.97 10.07
CA MET D 284 28.08 25.89 10.32
C MET D 284 28.38 25.52 11.77
N ILE D 285 27.68 26.17 12.69
CA ILE D 285 27.84 25.87 14.09
C ILE D 285 27.44 24.43 14.41
N GLU D 286 26.32 23.95 13.87
CA GLU D 286 25.93 22.54 14.12
C GLU D 286 26.99 21.55 13.62
N ASP D 287 27.51 21.78 12.41
CA ASP D 287 28.59 20.97 11.87
C ASP D 287 29.85 21.03 12.76
N ILE D 288 30.24 22.23 13.20
CA ILE D 288 31.49 22.35 14.01
C ILE D 288 31.34 21.57 15.33
N GLU D 289 30.20 21.72 15.97
CA GLU D 289 29.93 20.99 17.23
C GLU D 289 29.92 19.47 17.04
N CYS D 290 29.32 19.00 15.94
CA CYS D 290 29.39 17.57 15.60
C CYS D 290 30.82 17.13 15.28
N ILE D 291 31.57 17.98 14.57
CA ILE D 291 32.96 17.70 14.26
C ILE D 291 33.77 17.47 15.54
N LYS D 292 33.39 18.13 16.63
CA LYS D 292 34.15 17.95 17.86
C LYS D 292 33.97 16.56 18.47
N ALA D 293 33.05 15.74 17.94
CA ALA D 293 32.92 14.36 18.42
C ALA D 293 33.95 13.44 17.76
N PHE D 294 34.57 13.92 16.68
CA PHE D 294 35.62 13.15 16.02
C PHE D 294 36.89 13.09 16.88
N ASP D 295 37.77 12.14 16.59
CA ASP D 295 39.03 12.06 17.31
C ASP D 295 39.82 13.39 17.16
N GLN D 296 40.70 13.71 18.11
CA GLN D 296 41.31 15.05 18.18
C GLN D 296 42.06 15.45 16.89
N LEU D 297 42.87 14.56 16.33
CA LEU D 297 43.62 14.93 15.12
C LEU D 297 42.64 15.20 13.97
N THR D 298 41.66 14.32 13.81
CA THR D 298 40.68 14.50 12.71
C THR D 298 39.91 15.81 12.86
N GLN D 299 39.43 16.09 14.07
CA GLN D 299 38.66 17.30 14.26
C GLN D 299 39.52 18.55 13.99
N ASP D 300 40.78 18.54 14.45
CA ASP D 300 41.76 19.61 14.12
C ASP D 300 41.84 19.83 12.63
N VAL D 301 42.04 18.76 11.88
CA VAL D 301 42.13 18.87 10.42
C VAL D 301 40.85 19.47 9.79
N PHE D 302 39.68 18.95 10.18
CA PHE D 302 38.42 19.45 9.65
C PHE D 302 38.22 20.92 9.99
N LEU D 303 38.50 21.31 11.24
CA LEU D 303 38.24 22.69 11.67
C LEU D 303 39.28 23.63 11.08
N ASP D 304 40.53 23.18 11.00
CA ASP D 304 41.56 24.00 10.31
C ASP D 304 41.18 24.27 8.86
N LEU D 305 40.54 23.29 8.22
CA LEU D 305 40.06 23.44 6.83
C LEU D 305 38.97 24.51 6.72
N ILE D 306 37.94 24.38 7.53
CA ILE D 306 36.84 25.35 7.41
C ILE D 306 37.32 26.78 7.74
N TYR D 307 38.04 26.90 8.85
CA TYR D 307 38.50 28.22 9.34
C TYR D 307 39.58 28.79 8.43
N GLY D 308 40.54 27.94 8.05
CA GLY D 308 41.60 28.36 7.15
C GLY D 308 41.08 28.82 5.79
N ASN D 309 40.04 28.15 5.29
CA ASN D 309 39.45 28.56 3.99
C ASN D 309 38.89 29.97 4.08
N PHE D 310 38.26 30.24 5.21
CA PHE D 310 37.68 31.57 5.48
C PHE D 310 38.76 32.67 5.51
N VAL D 311 39.86 32.42 6.23
CA VAL D 311 41.00 33.34 6.28
C VAL D 311 41.55 33.60 4.88
N TRP D 312 41.80 32.51 4.14
CA TRP D 312 42.28 32.66 2.76
C TRP D 312 41.29 33.41 1.83
N THR D 313 40.01 33.06 1.90
CA THR D 313 39.01 33.63 1.02
C THR D 313 38.92 35.15 1.21
N THR D 314 39.09 35.55 2.45
CA THR D 314 38.81 36.88 2.87
C THR D 314 40.02 37.78 2.56
N SER D 315 41.14 37.17 2.22
CA SER D 315 42.35 37.93 1.90
C SER D 315 42.78 37.85 0.42
N ASN D 316 42.06 37.08 -0.39
CA ASN D 316 42.48 36.76 -1.77
C ASN D 316 41.77 37.58 -2.85
N LYS D 317 42.53 38.05 -3.84
CA LYS D 317 42.06 38.93 -4.94
C LYS D 317 40.92 38.35 -5.82
N ARG D 318 40.88 37.01 -5.91
CA ARG D 318 39.87 36.25 -6.67
C ARG D 318 38.41 36.65 -6.41
N TYR D 319 38.12 37.20 -5.21
CA TYR D 319 36.75 37.52 -4.77
C TYR D 319 36.44 39.04 -4.66
N LYS D 320 37.29 39.86 -5.27
CA LYS D 320 37.16 41.32 -5.20
C LYS D 320 37.07 41.97 -6.59
#